data_7M14
#
_entry.id   7M14
#
_cell.length_a   134.286
_cell.length_b   83.709
_cell.length_c   110.044
_cell.angle_alpha   90.000
_cell.angle_beta   94.740
_cell.angle_gamma   90.000
#
_symmetry.space_group_name_H-M   'C 1 2 1'
#
loop_
_entity.id
_entity.type
_entity.pdbx_description
1 polymer 'Thymidine diphospho-4-keto-rhamnose 3,5-epimerase'
2 non-polymer "GUANOSINE-5'-DIPHOSPHATE"
3 non-polymer 'SODIUM ION'
4 non-polymer 1,2-ETHANEDIOL
5 water water
#
_entity_poly.entity_id   1
_entity_poly.type   'polypeptide(L)'
_entity_poly.pdbx_seq_one_letter_code
;GGGHMAIEFDIQESKILKGVYIITPNKFRDLRGEIWTAFTDEYLSKLVPDGIKFKHDKFINSHFNVLRGIHGDVKTYKLV
TCVYGEVHQVVVDCRKDSPTYLKWEKFIISYKNQQLILLPPNMGNSHYVSSAAAVYYYKLAYEGEYMDAPDQFTYAWNDE
RIGIDWPTNTPILSDRDILATKNKG
;
_entity_poly.pdbx_strand_id   A,B,C,D,E,F
#
loop_
_chem_comp.id
_chem_comp.type
_chem_comp.name
_chem_comp.formula
EDO non-polymer 1,2-ETHANEDIOL 'C2 H6 O2'
GDP RNA linking GUANOSINE-5'-DIPHOSPHATE 'C10 H15 N5 O11 P2'
NA non-polymer 'SODIUM ION' 'Na 1'
#
# COMPACT_ATOMS: atom_id res chain seq x y z
N MET A 5 12.30 14.47 21.25
CA MET A 5 11.23 14.73 20.23
C MET A 5 9.89 14.97 20.94
N ALA A 6 9.18 16.05 20.58
CA ALA A 6 7.91 16.48 21.20
C ALA A 6 6.73 16.09 20.29
N ILE A 7 5.55 15.98 20.90
CA ILE A 7 4.25 15.62 20.25
C ILE A 7 3.83 16.79 19.40
N GLU A 8 3.60 16.55 18.11
CA GLU A 8 3.23 17.57 17.10
C GLU A 8 2.06 17.08 16.26
N PHE A 9 1.18 18.01 15.90
CA PHE A 9 0.09 17.82 14.92
C PHE A 9 0.21 18.90 13.84
N ASP A 10 0.42 18.52 12.58
CA ASP A 10 0.11 19.37 11.40
C ASP A 10 -1.40 19.32 11.16
N ILE A 11 -2.10 20.46 11.13
CA ILE A 11 -3.57 20.51 10.93
C ILE A 11 -3.88 21.42 9.73
N GLN A 12 -4.63 20.94 8.75
CA GLN A 12 -5.16 21.89 7.72
C GLN A 12 -6.58 21.48 7.38
N GLU A 13 -7.41 22.45 7.04
CA GLU A 13 -8.80 22.23 6.57
C GLU A 13 -8.72 21.68 5.16
N SER A 14 -9.67 20.83 4.78
CA SER A 14 -9.82 20.35 3.39
C SER A 14 -9.94 21.59 2.50
N LYS A 15 -9.36 21.56 1.31
CA LYS A 15 -9.60 22.62 0.28
C LYS A 15 -10.88 22.29 -0.47
N ILE A 16 -11.51 21.13 -0.25
CA ILE A 16 -12.71 20.72 -1.03
C ILE A 16 -13.95 20.80 -0.15
N LEU A 17 -13.86 20.37 1.11
CA LEU A 17 -15.02 20.17 2.03
C LEU A 17 -14.87 21.05 3.26
N LYS A 18 -15.73 22.05 3.43
CA LYS A 18 -15.59 22.99 4.58
C LYS A 18 -15.84 22.19 5.86
N GLY A 19 -14.98 22.38 6.84
CA GLY A 19 -15.12 21.82 8.18
C GLY A 19 -14.56 20.42 8.30
N VAL A 20 -13.93 19.88 7.24
CA VAL A 20 -13.15 18.61 7.31
C VAL A 20 -11.68 18.97 7.55
N TYR A 21 -11.00 18.30 8.49
CA TYR A 21 -9.60 18.62 8.83
C TYR A 21 -8.73 17.38 8.61
N ILE A 22 -7.51 17.63 8.14
CA ILE A 22 -6.47 16.59 7.89
C ILE A 22 -5.42 16.80 8.98
N ILE A 23 -5.35 15.88 9.92
CA ILE A 23 -4.42 15.91 11.08
C ILE A 23 -3.27 14.96 10.75
N THR A 24 -2.04 15.45 10.73
CA THR A 24 -0.84 14.59 10.52
C THR A 24 0.01 14.63 11.78
N PRO A 25 0.05 13.54 12.57
CA PRO A 25 0.94 13.50 13.74
C PRO A 25 2.39 13.28 13.28
N ASN A 26 3.36 13.77 14.06
CA ASN A 26 4.77 13.37 13.91
C ASN A 26 4.92 11.98 14.54
N LYS A 27 6.03 11.32 14.25
CA LYS A 27 6.37 9.98 14.76
C LYS A 27 7.84 9.95 15.18
N PHE A 28 8.11 9.27 16.29
CA PHE A 28 9.47 8.84 16.68
C PHE A 28 9.72 7.48 16.04
N ARG A 29 10.73 7.41 15.16
CA ARG A 29 11.13 6.17 14.45
C ARG A 29 12.51 5.74 14.94
N ASP A 30 12.67 4.46 15.26
CA ASP A 30 13.99 3.89 15.64
C ASP A 30 14.07 2.45 15.13
N LEU A 31 15.03 1.68 15.62
CA LEU A 31 15.22 0.24 15.29
C LEU A 31 13.95 -0.58 15.61
N ARG A 32 13.15 -0.16 16.59
CA ARG A 32 12.06 -0.97 17.19
C ARG A 32 10.75 -0.77 16.40
N GLY A 33 10.58 0.38 15.75
CA GLY A 33 9.36 0.74 15.01
C GLY A 33 9.06 2.21 15.21
N GLU A 34 7.81 2.55 15.51
CA GLU A 34 7.35 3.97 15.60
C GLU A 34 6.50 4.15 16.85
N ILE A 35 6.60 5.31 17.50
CA ILE A 35 5.61 5.79 18.49
C ILE A 35 4.94 7.04 17.93
N TRP A 36 3.64 7.19 18.15
CA TRP A 36 2.95 8.45 17.80
C TRP A 36 1.68 8.60 18.64
N THR A 37 1.24 9.85 18.74
CA THR A 37 0.01 10.31 19.42
C THR A 37 -1.03 10.61 18.35
N ALA A 38 -2.15 9.87 18.36
CA ALA A 38 -3.30 10.07 17.46
C ALA A 38 -4.16 11.24 17.95
N PHE A 39 -4.04 11.59 19.22
CA PHE A 39 -5.01 12.47 19.89
C PHE A 39 -4.48 12.90 21.26
N THR A 40 -4.56 14.21 21.53
CA THR A 40 -4.73 14.75 22.89
C THR A 40 -5.90 15.74 22.87
N ASP A 41 -6.55 15.90 24.02
CA ASP A 41 -7.57 16.94 24.23
C ASP A 41 -6.91 18.30 23.94
N GLU A 42 -5.74 18.55 24.50
CA GLU A 42 -5.04 19.87 24.41
C GLU A 42 -5.05 20.35 22.96
N TYR A 43 -4.64 19.51 22.00
CA TYR A 43 -4.34 19.97 20.61
C TYR A 43 -5.57 19.84 19.72
N LEU A 44 -6.44 18.85 19.95
CA LEU A 44 -7.52 18.52 18.97
C LEU A 44 -8.91 18.74 19.57
N SER A 45 -9.01 19.21 20.81
CA SER A 45 -10.32 19.57 21.44
C SER A 45 -11.00 20.67 20.62
N LYS A 46 -10.26 21.70 20.20
CA LYS A 46 -10.81 22.91 19.54
C LYS A 46 -11.48 22.56 18.19
N LEU A 47 -11.28 21.36 17.62
CA LEU A 47 -11.96 20.91 16.38
C LEU A 47 -13.46 20.67 16.63
N VAL A 48 -13.92 20.75 17.89
CA VAL A 48 -15.27 20.30 18.32
C VAL A 48 -15.87 21.35 19.28
N PRO A 49 -17.13 21.83 19.07
CA PRO A 49 -17.73 22.89 19.90
C PRO A 49 -17.88 22.55 21.39
N ASP A 50 -17.89 23.58 22.23
CA ASP A 50 -17.76 23.47 23.71
C ASP A 50 -18.79 22.48 24.26
N GLY A 51 -18.40 21.74 25.29
CA GLY A 51 -19.23 20.68 25.91
C GLY A 51 -18.96 19.34 25.27
N ILE A 52 -18.92 19.29 23.92
CA ILE A 52 -18.79 18.04 23.13
C ILE A 52 -17.35 17.52 23.25
N LYS A 53 -17.21 16.29 23.72
CA LYS A 53 -15.92 15.62 23.98
C LYS A 53 -15.87 14.30 23.21
N PHE A 54 -14.70 13.96 22.68
CA PHE A 54 -14.34 12.59 22.23
C PHE A 54 -14.41 11.69 23.46
N LYS A 55 -15.29 10.70 23.45
CA LYS A 55 -15.58 9.86 24.64
C LYS A 55 -15.69 8.36 24.27
N HIS A 56 -15.29 7.98 23.05
CA HIS A 56 -15.66 6.69 22.41
C HIS A 56 -14.61 6.33 21.37
N ASP A 57 -13.94 5.19 21.57
CA ASP A 57 -12.90 4.65 20.66
C ASP A 57 -13.35 3.28 20.12
N LYS A 58 -13.30 3.14 18.78
CA LYS A 58 -13.68 1.93 18.03
C LYS A 58 -12.52 1.46 17.12
N PHE A 59 -12.37 0.14 17.02
CA PHE A 59 -11.45 -0.53 16.07
C PHE A 59 -12.32 -1.37 15.16
N ILE A 60 -12.08 -1.28 13.86
CA ILE A 60 -12.81 -2.04 12.81
C ILE A 60 -11.76 -2.78 11.96
N ASN A 61 -11.78 -4.10 12.09
CA ASN A 61 -10.86 -5.05 11.42
CA ASN A 61 -10.85 -5.03 11.41
C ASN A 61 -11.59 -5.56 10.18
N SER A 62 -11.06 -5.27 8.99
CA SER A 62 -11.70 -5.72 7.73
C SER A 62 -10.64 -6.33 6.83
N HIS A 63 -11.12 -7.21 5.96
CA HIS A 63 -10.32 -7.90 4.93
C HIS A 63 -10.30 -7.07 3.66
N PHE A 64 -9.37 -7.45 2.80
CA PHE A 64 -9.21 -6.95 1.43
C PHE A 64 -10.56 -6.95 0.73
N ASN A 65 -10.81 -5.83 0.04
CA ASN A 65 -11.94 -5.62 -0.91
C ASN A 65 -13.22 -5.30 -0.14
N VAL A 66 -13.19 -5.22 1.18
CA VAL A 66 -14.34 -4.71 1.97
C VAL A 66 -14.49 -3.19 1.76
N LEU A 67 -15.74 -2.73 1.61
CA LEU A 67 -16.15 -1.29 1.59
C LEU A 67 -17.22 -1.14 2.66
N ARG A 68 -16.99 -0.30 3.67
CA ARG A 68 -18.04 0.06 4.66
C ARG A 68 -18.45 1.50 4.37
N GLY A 69 -19.75 1.77 4.15
CA GLY A 69 -20.30 3.13 4.01
C GLY A 69 -21.41 3.13 2.96
N ILE A 70 -21.99 4.28 2.66
CA ILE A 70 -21.61 5.57 3.24
C ILE A 70 -22.54 5.86 4.42
N HIS A 71 -21.96 6.00 5.62
CA HIS A 71 -22.71 6.09 6.89
C HIS A 71 -22.47 7.47 7.51
N GLY A 72 -23.53 8.11 7.99
CA GLY A 72 -23.43 9.28 8.89
C GLY A 72 -24.57 9.33 9.88
N ASP A 73 -24.44 10.22 10.87
CA ASP A 73 -25.55 10.54 11.80
C ASP A 73 -25.49 12.03 12.11
N VAL A 74 -26.57 12.52 12.70
CA VAL A 74 -26.83 13.99 12.89
C VAL A 74 -25.91 14.57 13.98
N LYS A 75 -25.35 13.81 14.92
CA LYS A 75 -24.73 14.42 16.13
C LYS A 75 -23.26 14.03 16.36
N THR A 76 -22.65 13.12 15.58
CA THR A 76 -21.32 12.55 15.91
C THR A 76 -20.23 13.19 15.05
N TYR A 77 -19.23 13.78 15.72
CA TYR A 77 -17.90 14.14 15.14
C TYR A 77 -17.00 12.89 15.21
N LYS A 78 -16.32 12.63 14.10
CA LYS A 78 -15.46 11.43 13.96
C LYS A 78 -14.02 11.85 13.65
N LEU A 79 -13.05 11.24 14.33
CA LEU A 79 -11.62 11.31 13.95
C LEU A 79 -11.15 9.91 13.52
N VAL A 80 -10.91 9.72 12.22
CA VAL A 80 -10.72 8.38 11.59
C VAL A 80 -9.29 8.21 11.11
N THR A 81 -8.73 7.01 11.23
CA THR A 81 -7.42 6.67 10.61
C THR A 81 -7.34 5.17 10.35
N CYS A 82 -6.22 4.74 9.78
CA CYS A 82 -5.89 3.31 9.57
C CYS A 82 -4.53 3.10 10.23
N VAL A 83 -4.48 2.20 11.21
CA VAL A 83 -3.26 1.97 12.03
C VAL A 83 -2.58 0.68 11.58
N TYR A 84 -3.23 -0.10 10.74
CA TYR A 84 -2.55 -1.22 10.06
C TYR A 84 -3.16 -1.43 8.69
N GLY A 85 -2.29 -1.67 7.70
CA GLY A 85 -2.71 -1.83 6.30
C GLY A 85 -3.09 -0.49 5.69
N GLU A 86 -4.00 -0.52 4.72
CA GLU A 86 -4.31 0.62 3.84
C GLU A 86 -5.81 0.65 3.51
N VAL A 87 -6.40 1.83 3.64
CA VAL A 87 -7.83 2.06 3.33
C VAL A 87 -7.87 3.29 2.44
N HIS A 88 -8.72 3.25 1.42
CA HIS A 88 -9.20 4.46 0.70
C HIS A 88 -10.30 5.03 1.57
N GLN A 89 -9.95 5.96 2.47
CA GLN A 89 -10.93 6.69 3.32
C GLN A 89 -11.61 7.76 2.46
N VAL A 90 -12.94 7.76 2.38
CA VAL A 90 -13.67 8.77 1.57
C VAL A 90 -14.73 9.44 2.44
N VAL A 91 -14.61 10.76 2.56
CA VAL A 91 -15.63 11.63 3.21
C VAL A 91 -16.51 12.22 2.13
N VAL A 92 -17.84 12.11 2.31
CA VAL A 92 -18.86 12.74 1.44
C VAL A 92 -19.50 13.90 2.23
N ASP A 93 -19.74 15.03 1.56
CA ASP A 93 -20.51 16.13 2.19
C ASP A 93 -21.99 15.74 2.08
N CYS A 94 -22.62 15.44 3.21
CA CYS A 94 -24.04 14.99 3.26
C CYS A 94 -24.88 16.07 3.97
N ARG A 95 -24.35 17.29 4.13
CA ARG A 95 -25.11 18.49 4.58
C ARG A 95 -25.92 18.99 3.38
N LYS A 96 -27.24 18.79 3.39
CA LYS A 96 -28.10 19.09 2.21
C LYS A 96 -28.07 20.60 1.91
N ASP A 97 -27.78 21.43 2.91
CA ASP A 97 -27.72 22.91 2.71
C ASP A 97 -26.29 23.36 2.39
N SER A 98 -25.31 22.47 2.19
CA SER A 98 -23.91 22.85 1.84
C SER A 98 -23.80 23.15 0.36
N PRO A 99 -23.07 24.21 -0.04
CA PRO A 99 -22.74 24.43 -1.44
C PRO A 99 -21.95 23.27 -2.05
N THR A 100 -21.42 22.34 -1.25
CA THR A 100 -20.72 21.16 -1.80
C THR A 100 -21.41 19.88 -1.35
N TYR A 101 -22.74 19.92 -1.26
CA TYR A 101 -23.56 18.71 -0.99
C TYR A 101 -23.17 17.63 -2.01
N LEU A 102 -22.80 16.46 -1.52
CA LEU A 102 -22.48 15.25 -2.33
C LEU A 102 -21.19 15.43 -3.13
N LYS A 103 -20.35 16.40 -2.79
CA LYS A 103 -18.91 16.34 -3.15
C LYS A 103 -18.22 15.40 -2.16
N TRP A 104 -17.03 14.94 -2.52
CA TRP A 104 -16.26 13.93 -1.76
C TRP A 104 -14.76 14.17 -1.93
N GLU A 105 -13.99 13.61 -1.00
CA GLU A 105 -12.52 13.69 -0.97
C GLU A 105 -11.97 12.34 -0.47
N LYS A 106 -11.00 11.77 -1.18
CA LYS A 106 -10.34 10.52 -0.75
C LYS A 106 -9.04 10.85 -0.01
N PHE A 107 -8.79 10.09 1.07
CA PHE A 107 -7.55 10.07 1.85
C PHE A 107 -7.10 8.61 1.93
N ILE A 108 -6.02 8.27 1.26
CA ILE A 108 -5.47 6.89 1.26
C ILE A 108 -4.47 6.80 2.41
N ILE A 109 -4.87 6.19 3.52
CA ILE A 109 -4.13 6.26 4.81
C ILE A 109 -3.42 4.93 4.99
N SER A 110 -2.12 4.97 5.20
CA SER A 110 -1.27 3.76 5.38
C SER A 110 -0.02 4.13 6.19
N TYR A 111 0.93 3.19 6.24
CA TYR A 111 2.26 3.29 6.88
C TYR A 111 2.99 4.55 6.40
N LYS A 112 2.68 5.05 5.20
CA LYS A 112 3.42 6.18 4.58
C LYS A 112 2.55 7.44 4.46
N ASN A 113 1.28 7.40 4.85
CA ASN A 113 0.43 8.62 4.99
C ASN A 113 -0.45 8.41 6.23
N GLN A 114 0.10 8.68 7.42
CA GLN A 114 -0.60 8.43 8.71
C GLN A 114 -1.42 9.66 9.06
N GLN A 115 -2.51 9.87 8.34
CA GLN A 115 -3.42 11.02 8.57
C GLN A 115 -4.62 10.55 9.39
N LEU A 116 -5.12 11.44 10.23
CA LEU A 116 -6.46 11.33 10.85
C LEU A 116 -7.36 12.40 10.23
N ILE A 117 -8.53 11.99 9.78
CA ILE A 117 -9.53 12.90 9.17
C ILE A 117 -10.60 13.17 10.21
N LEU A 118 -10.90 14.45 10.40
CA LEU A 118 -11.99 14.96 11.27
C LEU A 118 -13.19 15.23 10.37
N LEU A 119 -14.28 14.51 10.61
CA LEU A 119 -15.61 14.73 9.97
C LEU A 119 -16.51 15.41 10.99
N PRO A 120 -17.15 16.57 10.69
CA PRO A 120 -18.27 17.06 11.50
C PRO A 120 -19.48 16.16 11.25
N PRO A 121 -20.60 16.32 12.01
CA PRO A 121 -21.82 15.57 11.76
C PRO A 121 -22.45 15.88 10.40
N ASN A 122 -23.40 15.03 10.00
CA ASN A 122 -24.09 15.06 8.68
C ASN A 122 -23.10 14.86 7.54
N MET A 123 -21.99 14.15 7.79
CA MET A 123 -21.04 13.74 6.72
C MET A 123 -21.06 12.22 6.53
N GLY A 124 -20.73 11.79 5.31
CA GLY A 124 -20.67 10.39 4.87
C GLY A 124 -19.30 9.81 5.12
N ASN A 125 -19.19 8.89 6.07
CA ASN A 125 -17.93 8.17 6.37
C ASN A 125 -17.94 6.85 5.59
N SER A 126 -16.84 6.56 4.89
CA SER A 126 -16.65 5.32 4.13
C SER A 126 -15.16 5.00 4.07
N HIS A 127 -14.85 3.71 3.94
CA HIS A 127 -13.51 3.22 3.59
C HIS A 127 -13.59 1.91 2.82
N TYR A 128 -12.64 1.77 1.90
CA TYR A 128 -12.32 0.56 1.12
C TYR A 128 -10.94 0.05 1.54
N VAL A 129 -10.87 -1.25 1.79
CA VAL A 129 -9.65 -1.94 2.26
C VAL A 129 -8.88 -2.45 1.04
N SER A 130 -7.74 -1.81 0.74
CA SER A 130 -6.86 -2.09 -0.42
C SER A 130 -5.67 -2.99 -0.02
N SER A 131 -5.39 -3.13 1.28
CA SER A 131 -4.39 -4.07 1.84
C SER A 131 -5.02 -5.46 2.07
N ALA A 132 -4.22 -6.46 2.44
CA ALA A 132 -4.73 -7.83 2.72
C ALA A 132 -5.74 -7.73 3.86
N ALA A 133 -5.44 -6.92 4.86
CA ALA A 133 -6.34 -6.65 6.01
C ALA A 133 -6.08 -5.22 6.46
N ALA A 134 -7.03 -4.57 7.14
CA ALA A 134 -6.78 -3.24 7.72
C ALA A 134 -7.44 -3.10 9.09
N VAL A 135 -6.80 -2.36 9.96
CA VAL A 135 -7.40 -1.93 11.25
C VAL A 135 -7.67 -0.45 11.15
N TYR A 136 -8.94 -0.11 11.21
CA TYR A 136 -9.46 1.27 11.18
C TYR A 136 -9.73 1.64 12.63
N TYR A 137 -9.11 2.74 13.07
CA TYR A 137 -9.33 3.37 14.39
C TYR A 137 -10.19 4.60 14.17
N TYR A 138 -11.25 4.75 14.95
CA TYR A 138 -11.90 6.08 15.00
C TYR A 138 -12.49 6.37 16.35
N LYS A 139 -12.23 7.62 16.72
CA LYS A 139 -12.75 8.34 17.90
C LYS A 139 -14.06 9.01 17.49
N LEU A 140 -15.03 8.96 18.38
CA LEU A 140 -16.35 9.61 18.20
C LEU A 140 -16.54 10.64 19.32
N ALA A 141 -17.10 11.81 19.01
CA ALA A 141 -17.49 12.82 20.00
C ALA A 141 -18.93 13.20 19.73
N TYR A 142 -19.78 12.99 20.73
CA TYR A 142 -21.25 13.25 20.66
C TYR A 142 -21.77 13.43 22.09
N GLU A 143 -22.91 14.11 22.22
CA GLU A 143 -23.66 14.19 23.50
CA GLU A 143 -23.64 14.16 23.51
C GLU A 143 -24.75 13.10 23.47
N GLY A 144 -25.01 12.47 24.61
CA GLY A 144 -26.11 11.51 24.78
C GLY A 144 -25.70 10.12 24.33
N GLU A 145 -26.65 9.32 23.86
CA GLU A 145 -26.44 7.89 23.52
C GLU A 145 -25.80 7.75 22.14
N TYR A 146 -25.08 6.65 21.94
CA TYR A 146 -24.44 6.25 20.67
C TYR A 146 -25.49 6.14 19.57
N MET A 147 -25.23 6.75 18.42
CA MET A 147 -26.06 6.54 17.22
C MET A 147 -25.60 5.23 16.59
N ASP A 148 -26.34 4.15 16.85
CA ASP A 148 -26.15 2.86 16.15
C ASP A 148 -26.86 2.93 14.80
N ALA A 149 -26.70 1.87 13.99
CA ALA A 149 -27.21 1.77 12.62
C ALA A 149 -28.62 2.31 12.50
N PRO A 150 -29.59 1.98 13.38
CA PRO A 150 -30.97 2.43 13.16
C PRO A 150 -31.13 3.97 13.19
N ASP A 151 -30.22 4.68 13.84
CA ASP A 151 -30.28 6.16 14.02
C ASP A 151 -29.34 6.86 13.04
N GLN A 152 -28.75 6.10 12.09
CA GLN A 152 -27.77 6.61 11.10
C GLN A 152 -28.44 6.66 9.73
N PHE A 153 -27.98 7.55 8.86
CA PHE A 153 -28.38 7.63 7.44
C PHE A 153 -27.30 6.87 6.63
N THR A 154 -27.68 6.48 5.41
CA THR A 154 -26.87 5.69 4.46
C THR A 154 -27.02 6.24 3.03
N TYR A 155 -25.92 6.53 2.34
CA TYR A 155 -25.85 6.65 0.86
C TYR A 155 -25.11 5.44 0.30
N ALA A 156 -25.44 5.14 -0.95
CA ALA A 156 -24.85 4.03 -1.73
C ALA A 156 -23.40 4.40 -2.03
N TRP A 157 -22.47 3.50 -1.73
CA TRP A 157 -21.04 3.60 -2.08
C TRP A 157 -20.92 4.10 -3.52
N ASN A 158 -21.77 3.62 -4.43
CA ASN A 158 -21.69 3.96 -5.88
C ASN A 158 -22.83 4.91 -6.27
N ASP A 159 -23.33 5.72 -5.34
CA ASP A 159 -24.38 6.71 -5.67
C ASP A 159 -23.86 7.58 -6.82
N GLU A 160 -24.61 7.57 -7.91
CA GLU A 160 -24.32 8.23 -9.20
C GLU A 160 -24.10 9.74 -8.97
N ARG A 161 -24.83 10.33 -8.01
CA ARG A 161 -24.79 11.80 -7.78
C ARG A 161 -23.53 12.17 -7.00
N ILE A 162 -22.82 11.19 -6.44
CA ILE A 162 -21.55 11.43 -5.69
C ILE A 162 -20.37 11.12 -6.62
N GLY A 163 -20.43 10.01 -7.34
CA GLY A 163 -19.40 9.58 -8.30
C GLY A 163 -18.02 9.34 -7.66
N ILE A 164 -17.96 8.68 -6.49
CA ILE A 164 -16.67 8.33 -5.85
C ILE A 164 -15.86 7.42 -6.80
N ASP A 165 -14.60 7.78 -7.06
CA ASP A 165 -13.64 6.90 -7.78
CA ASP A 165 -13.62 6.91 -7.76
C ASP A 165 -13.14 5.84 -6.77
N TRP A 166 -13.69 4.63 -6.85
CA TRP A 166 -13.28 3.48 -6.00
C TRP A 166 -12.35 2.60 -6.83
N PRO A 167 -11.39 1.85 -6.26
CA PRO A 167 -10.53 1.01 -7.10
C PRO A 167 -11.19 -0.29 -7.62
N THR A 168 -12.46 -0.53 -7.29
CA THR A 168 -13.20 -1.70 -7.81
C THR A 168 -14.66 -1.32 -8.05
N ASN A 169 -15.31 -2.00 -8.99
CA ASN A 169 -16.79 -2.05 -9.14
C ASN A 169 -17.40 -3.16 -8.28
N THR A 170 -16.61 -4.01 -7.60
CA THR A 170 -17.17 -5.23 -6.95
C THR A 170 -16.62 -5.41 -5.55
N PRO A 171 -17.02 -4.54 -4.59
CA PRO A 171 -16.62 -4.64 -3.20
C PRO A 171 -17.46 -5.63 -2.40
N ILE A 172 -16.92 -6.05 -1.25
CA ILE A 172 -17.65 -6.88 -0.26
C ILE A 172 -18.43 -5.91 0.61
N LEU A 173 -19.76 -6.06 0.62
CA LEU A 173 -20.73 -5.15 1.28
C LEU A 173 -21.59 -5.92 2.26
N SER A 174 -21.89 -5.33 3.42
CA SER A 174 -22.97 -5.72 4.35
C SER A 174 -24.31 -5.61 3.64
N ASP A 175 -25.36 -6.21 4.20
CA ASP A 175 -26.76 -6.08 3.66
C ASP A 175 -27.22 -4.62 3.71
N ARG A 176 -26.87 -3.90 4.78
CA ARG A 176 -27.18 -2.44 4.88
C ARG A 176 -26.61 -1.71 3.64
N ASP A 177 -25.36 -1.98 3.26
CA ASP A 177 -24.69 -1.24 2.16
C ASP A 177 -25.21 -1.71 0.80
N ILE A 178 -25.69 -2.95 0.72
CA ILE A 178 -26.36 -3.49 -0.50
C ILE A 178 -27.72 -2.81 -0.65
N LEU A 179 -28.51 -2.73 0.43
CA LEU A 179 -29.90 -2.18 0.39
C LEU A 179 -29.82 -0.74 -0.14
N ALA A 180 -28.81 0.03 0.26
CA ALA A 180 -28.60 1.42 -0.17
C ALA A 180 -28.44 1.50 -1.70
N THR A 181 -27.90 0.47 -2.35
CA THR A 181 -27.68 0.46 -3.82
C THR A 181 -28.97 0.26 -4.61
N LYS A 182 -30.03 -0.32 -4.00
CA LYS A 182 -31.35 -0.49 -4.69
C LYS A 182 -32.00 0.90 -4.79
N MET B 5 -26.74 -5.04 18.20
CA MET B 5 -25.74 -5.44 19.27
C MET B 5 -25.32 -4.21 20.09
N ALA B 6 -25.75 -4.15 21.36
CA ALA B 6 -25.31 -3.11 22.33
C ALA B 6 -23.80 -3.30 22.60
N ILE B 7 -23.07 -2.20 22.72
CA ILE B 7 -21.66 -2.17 23.19
C ILE B 7 -21.63 -2.73 24.62
N GLU B 8 -20.77 -3.72 24.89
CA GLU B 8 -20.64 -4.32 26.24
C GLU B 8 -19.17 -4.47 26.65
N PHE B 9 -18.91 -4.43 27.95
CA PHE B 9 -17.58 -4.69 28.55
C PHE B 9 -17.70 -5.68 29.72
N ASP B 10 -16.88 -6.72 29.71
CA ASP B 10 -16.60 -7.54 30.91
C ASP B 10 -15.44 -6.87 31.66
N ILE B 11 -15.66 -6.50 32.92
CA ILE B 11 -14.62 -5.86 33.78
C ILE B 11 -14.30 -6.83 34.91
N GLN B 12 -13.03 -7.21 35.05
CA GLN B 12 -12.55 -8.03 36.19
C GLN B 12 -11.28 -7.41 36.77
N GLU B 13 -11.12 -7.48 38.09
CA GLU B 13 -9.89 -7.09 38.79
C GLU B 13 -8.94 -8.29 38.78
N SER B 14 -7.67 -8.04 38.48
CA SER B 14 -6.58 -9.05 38.63
C SER B 14 -6.72 -9.76 39.97
N LYS B 15 -6.37 -11.04 39.99
CA LYS B 15 -6.25 -11.84 41.23
C LYS B 15 -4.86 -11.63 41.79
N ILE B 16 -3.97 -11.01 41.01
CA ILE B 16 -2.52 -10.93 41.34
C ILE B 16 -2.19 -9.54 41.87
N LEU B 17 -2.59 -8.50 41.16
CA LEU B 17 -2.20 -7.11 41.49
C LEU B 17 -3.47 -6.30 41.75
N LYS B 18 -3.69 -5.87 43.00
CA LYS B 18 -4.84 -5.00 43.32
C LYS B 18 -4.77 -3.73 42.45
N GLY B 19 -5.91 -3.27 41.94
CA GLY B 19 -6.02 -2.01 41.18
C GLY B 19 -5.79 -2.19 39.69
N VAL B 20 -5.33 -3.37 39.24
CA VAL B 20 -5.27 -3.73 37.78
C VAL B 20 -6.61 -4.35 37.37
N TYR B 21 -7.24 -3.79 36.33
CA TYR B 21 -8.51 -4.31 35.74
C TYR B 21 -8.19 -4.92 34.37
N ILE B 22 -8.88 -6.02 34.05
CA ILE B 22 -8.92 -6.68 32.71
C ILE B 22 -10.28 -6.38 32.09
N ILE B 23 -10.32 -5.57 31.04
CA ILE B 23 -11.54 -5.14 30.30
C ILE B 23 -11.66 -6.03 29.06
N THR B 24 -12.80 -6.68 28.84
CA THR B 24 -13.06 -7.48 27.62
C THR B 24 -14.27 -6.91 26.91
N PRO B 25 -14.11 -6.33 25.71
CA PRO B 25 -15.24 -5.82 24.95
C PRO B 25 -15.90 -7.00 24.23
N ASN B 26 -17.14 -6.81 23.77
CA ASN B 26 -17.81 -7.72 22.81
C ASN B 26 -17.44 -7.21 21.40
N LYS B 27 -17.69 -8.01 20.38
CA LYS B 27 -17.36 -7.71 18.97
C LYS B 27 -18.58 -8.03 18.11
N PHE B 28 -18.92 -7.19 17.14
CA PHE B 28 -19.83 -7.55 16.03
C PHE B 28 -18.99 -8.24 14.95
N ARG B 29 -19.31 -9.49 14.60
CA ARG B 29 -18.61 -10.27 13.53
C ARG B 29 -19.54 -10.47 12.33
N ASP B 30 -19.03 -10.26 11.11
CA ASP B 30 -19.85 -10.46 9.88
C ASP B 30 -18.93 -10.83 8.73
N LEU B 31 -19.45 -10.86 7.50
CA LEU B 31 -18.71 -11.31 6.29
C LEU B 31 -17.46 -10.44 6.07
N ARG B 32 -17.39 -9.26 6.71
CA ARG B 32 -16.36 -8.22 6.42
C ARG B 32 -15.21 -8.29 7.43
N GLY B 33 -15.46 -8.85 8.60
CA GLY B 33 -14.54 -8.75 9.76
C GLY B 33 -15.28 -8.43 11.04
N GLU B 34 -14.71 -7.54 11.86
CA GLU B 34 -15.17 -7.28 13.26
C GLU B 34 -15.11 -5.78 13.60
N ILE B 35 -16.12 -5.34 14.35
CA ILE B 35 -16.27 -3.98 14.94
C ILE B 35 -16.30 -4.15 16.46
N TRP B 36 -15.48 -3.39 17.17
CA TRP B 36 -15.51 -3.40 18.65
C TRP B 36 -15.14 -2.03 19.22
N THR B 37 -15.66 -1.77 20.42
CA THR B 37 -15.44 -0.54 21.22
C THR B 37 -14.39 -0.89 22.27
N ALA B 38 -13.29 -0.14 22.26
CA ALA B 38 -12.17 -0.26 23.21
C ALA B 38 -12.46 0.59 24.44
N PHE B 39 -13.27 1.62 24.31
CA PHE B 39 -13.44 2.61 25.40
C PHE B 39 -14.68 3.45 25.15
N THR B 40 -15.51 3.63 26.19
CA THR B 40 -16.47 4.76 26.32
C THR B 40 -16.28 5.40 27.70
N ASP B 41 -16.40 6.71 27.74
CA ASP B 41 -16.39 7.49 29.01
C ASP B 41 -17.47 6.92 29.95
N GLU B 42 -18.69 6.77 29.43
CA GLU B 42 -19.86 6.23 30.17
C GLU B 42 -19.51 4.93 30.91
N TYR B 43 -18.72 4.00 30.34
CA TYR B 43 -18.54 2.65 30.95
C TYR B 43 -17.20 2.53 31.65
N LEU B 44 -16.19 3.33 31.31
CA LEU B 44 -14.80 3.03 31.76
C LEU B 44 -14.21 4.16 32.61
N SER B 45 -14.80 5.35 32.60
CA SER B 45 -14.33 6.51 33.40
C SER B 45 -14.35 6.17 34.90
N LYS B 46 -15.28 5.33 35.35
CA LYS B 46 -15.35 4.92 36.79
C LYS B 46 -14.15 4.05 37.19
N LEU B 47 -13.23 3.68 36.27
CA LEU B 47 -11.99 2.92 36.60
C LEU B 47 -10.94 3.86 37.20
N VAL B 48 -11.07 5.14 36.89
CA VAL B 48 -10.12 6.21 37.27
C VAL B 48 -10.83 7.13 38.26
N PRO B 49 -10.12 7.64 39.30
CA PRO B 49 -10.67 8.63 40.23
C PRO B 49 -11.38 9.78 39.52
N ASP B 50 -12.42 10.31 40.17
CA ASP B 50 -13.18 11.49 39.67
C ASP B 50 -12.18 12.61 39.34
N GLY B 51 -12.42 13.34 38.26
CA GLY B 51 -11.52 14.41 37.79
C GLY B 51 -10.67 13.94 36.62
N ILE B 52 -9.90 12.86 36.80
CA ILE B 52 -8.86 12.43 35.84
C ILE B 52 -9.53 11.81 34.60
N LYS B 53 -9.38 12.44 33.44
CA LYS B 53 -9.97 11.98 32.16
C LYS B 53 -8.88 11.34 31.28
N PHE B 54 -9.21 10.22 30.64
CA PHE B 54 -8.49 9.70 29.45
C PHE B 54 -8.58 10.81 28.41
N LYS B 55 -7.43 11.36 28.01
CA LYS B 55 -7.34 12.55 27.13
C LYS B 55 -6.17 12.41 26.15
N HIS B 56 -5.57 11.22 26.05
CA HIS B 56 -4.34 10.99 25.27
C HIS B 56 -4.35 9.58 24.68
N ASP B 57 -4.26 9.47 23.36
CA ASP B 57 -4.26 8.18 22.63
C ASP B 57 -2.93 8.04 21.90
N LYS B 58 -2.29 6.89 22.06
CA LYS B 58 -0.96 6.61 21.47
C LYS B 58 -0.99 5.27 20.75
N PHE B 59 -0.13 5.12 19.75
CA PHE B 59 0.05 3.88 18.99
C PHE B 59 1.56 3.64 18.88
N ILE B 60 1.94 2.40 19.11
CA ILE B 60 3.36 1.94 19.05
C ILE B 60 3.39 0.76 18.08
N ASN B 61 4.04 0.93 16.94
CA ASN B 61 4.26 -0.16 15.96
C ASN B 61 5.64 -0.73 16.27
N SER B 62 5.75 -2.04 16.43
CA SER B 62 7.03 -2.67 16.83
C SER B 62 7.26 -3.95 16.02
N HIS B 63 8.52 -4.21 15.69
CA HIS B 63 8.94 -5.44 14.99
C HIS B 63 8.83 -6.61 15.96
N PHE B 64 8.71 -7.82 15.41
CA PHE B 64 8.99 -9.08 16.15
C PHE B 64 10.22 -8.87 17.03
N ASN B 65 10.12 -9.37 18.26
CA ASN B 65 11.24 -9.54 19.22
C ASN B 65 11.55 -8.21 19.93
N VAL B 66 10.82 -7.14 19.61
CA VAL B 66 10.95 -5.85 20.34
C VAL B 66 10.34 -6.02 21.73
N LEU B 67 11.03 -5.54 22.76
CA LEU B 67 10.50 -5.39 24.13
C LEU B 67 10.61 -3.91 24.53
N ARG B 68 9.50 -3.31 24.87
CA ARG B 68 9.46 -1.94 25.43
C ARG B 68 9.05 -2.04 26.90
N GLY B 69 9.91 -1.59 27.82
CA GLY B 69 9.61 -1.50 29.26
C GLY B 69 10.86 -1.72 30.11
N ILE B 70 10.69 -1.69 31.45
CA ILE B 70 9.41 -1.56 32.13
C ILE B 70 9.26 -0.09 32.55
N HIS B 71 8.26 0.61 32.04
CA HIS B 71 8.15 2.09 32.23
C HIS B 71 6.91 2.42 33.06
N GLY B 72 7.06 3.36 33.99
CA GLY B 72 5.96 3.94 34.76
C GLY B 72 6.22 5.37 35.16
N ASP B 73 5.28 5.94 35.93
CA ASP B 73 5.34 7.34 36.39
C ASP B 73 4.27 7.51 37.44
N VAL B 74 4.41 8.56 38.26
CA VAL B 74 3.73 8.73 39.57
C VAL B 74 2.26 9.13 39.36
N LYS B 75 1.85 9.54 38.16
CA LYS B 75 0.49 10.13 37.95
C LYS B 75 -0.31 9.51 36.79
N THR B 76 0.25 8.67 35.93
CA THR B 76 -0.43 8.29 34.65
C THR B 76 -1.19 6.98 34.85
N TYR B 77 -2.50 6.99 34.62
CA TYR B 77 -3.35 5.77 34.46
C TYR B 77 -3.32 5.40 32.97
N LYS B 78 -3.07 4.13 32.65
CA LYS B 78 -2.98 3.65 31.25
C LYS B 78 -4.02 2.56 31.01
N LEU B 79 -4.67 2.59 29.83
CA LEU B 79 -5.48 1.47 29.30
C LEU B 79 -4.79 0.96 28.03
N VAL B 80 -4.31 -0.30 28.06
CA VAL B 80 -3.36 -0.86 27.06
C VAL B 80 -3.95 -2.12 26.40
N THR B 81 -3.65 -2.29 25.11
CA THR B 81 -4.06 -3.46 24.30
C THR B 81 -3.21 -3.55 23.03
N CYS B 82 -3.44 -4.62 22.29
CA CYS B 82 -2.81 -4.88 21.00
C CYS B 82 -3.91 -5.02 19.95
N VAL B 83 -3.89 -4.17 18.92
CA VAL B 83 -4.99 -4.09 17.91
C VAL B 83 -4.56 -4.74 16.61
N TYR B 84 -3.30 -5.11 16.46
CA TYR B 84 -2.83 -5.97 15.34
C TYR B 84 -1.64 -6.79 15.85
N GLY B 85 -1.62 -8.08 15.47
CA GLY B 85 -0.58 -9.03 15.87
C GLY B 85 -0.80 -9.46 17.30
N GLU B 86 0.29 -9.69 18.03
CA GLU B 86 0.21 -10.35 19.35
C GLU B 86 1.36 -9.83 20.22
N VAL B 87 1.06 -9.46 21.45
CA VAL B 87 2.11 -9.04 22.44
C VAL B 87 1.95 -9.85 23.74
N HIS B 88 3.07 -10.09 24.41
CA HIS B 88 3.11 -10.41 25.85
C HIS B 88 3.08 -9.07 26.61
N GLN B 89 1.90 -8.61 27.00
CA GLN B 89 1.71 -7.43 27.89
C GLN B 89 2.03 -7.86 29.33
N VAL B 90 3.09 -7.32 29.94
CA VAL B 90 3.45 -7.61 31.37
C VAL B 90 3.30 -6.35 32.22
N VAL B 91 2.35 -6.41 33.16
CA VAL B 91 2.18 -5.43 34.26
C VAL B 91 3.05 -5.86 35.45
N VAL B 92 3.76 -4.88 36.02
CA VAL B 92 4.59 -5.01 37.25
C VAL B 92 4.00 -4.06 38.28
N ASP B 93 3.88 -4.52 39.54
CA ASP B 93 3.60 -3.68 40.73
C ASP B 93 4.90 -2.98 41.12
N CYS B 94 4.99 -1.66 40.91
CA CYS B 94 6.17 -0.82 41.23
C CYS B 94 5.79 0.17 42.34
N ARG B 95 4.65 -0.04 43.02
CA ARG B 95 4.29 0.70 44.26
C ARG B 95 5.13 0.11 45.39
N LYS B 96 6.12 0.86 45.87
CA LYS B 96 7.07 0.37 46.91
C LYS B 96 6.30 0.03 48.19
N ASP B 97 5.13 0.65 48.38
CA ASP B 97 4.25 0.50 49.59
C ASP B 97 3.24 -0.66 49.42
N SER B 98 3.19 -1.37 48.28
CA SER B 98 2.23 -2.48 48.06
C SER B 98 2.86 -3.81 48.51
N PRO B 99 2.07 -4.70 49.16
CA PRO B 99 2.58 -6.01 49.58
C PRO B 99 2.97 -6.93 48.41
N THR B 100 2.60 -6.58 47.17
CA THR B 100 2.95 -7.31 45.92
C THR B 100 3.92 -6.45 45.06
N TYR B 101 4.61 -5.48 45.68
CA TYR B 101 5.71 -4.72 45.03
C TYR B 101 6.60 -5.75 44.32
N LEU B 102 6.73 -5.60 42.99
CA LEU B 102 7.62 -6.38 42.09
C LEU B 102 7.06 -7.79 41.79
N LYS B 103 5.78 -8.01 42.15
CA LYS B 103 4.95 -9.07 41.51
C LYS B 103 4.54 -8.57 40.11
N TRP B 104 4.41 -9.51 39.17
CA TRP B 104 4.03 -9.26 37.76
C TRP B 104 2.90 -10.19 37.32
N GLU B 105 2.14 -9.76 36.32
CA GLU B 105 1.10 -10.57 35.63
C GLU B 105 1.23 -10.36 34.11
N LYS B 106 1.14 -11.44 33.34
CA LYS B 106 1.23 -11.42 31.86
C LYS B 106 -0.18 -11.66 31.30
N PHE B 107 -0.51 -10.89 30.26
CA PHE B 107 -1.66 -11.04 29.33
C PHE B 107 -1.10 -11.18 27.93
N ILE B 108 -1.38 -12.28 27.23
CA ILE B 108 -1.01 -12.43 25.80
C ILE B 108 -2.21 -11.96 24.98
N ILE B 109 -2.10 -10.75 24.42
CA ILE B 109 -3.22 -9.97 23.82
C ILE B 109 -3.10 -9.98 22.28
N SER B 110 -4.22 -10.22 21.61
CA SER B 110 -4.35 -10.40 20.15
C SER B 110 -5.83 -10.26 19.84
N TYR B 111 -6.22 -10.32 18.56
CA TYR B 111 -7.66 -10.23 18.16
C TYR B 111 -8.46 -11.38 18.81
N LYS B 112 -7.81 -12.51 19.06
CA LYS B 112 -8.45 -13.76 19.53
C LYS B 112 -8.58 -13.71 21.06
N ASN B 113 -8.01 -12.68 21.70
CA ASN B 113 -8.01 -12.51 23.18
C ASN B 113 -7.88 -11.01 23.42
N GLN B 114 -8.95 -10.27 23.16
CA GLN B 114 -8.93 -8.79 23.06
C GLN B 114 -9.11 -8.19 24.46
N GLN B 115 -8.13 -8.34 25.34
CA GLN B 115 -8.19 -7.76 26.70
C GLN B 115 -7.59 -6.36 26.65
N LEU B 116 -8.22 -5.39 27.30
CA LEU B 116 -7.57 -4.10 27.65
C LEU B 116 -7.21 -4.13 29.13
N ILE B 117 -5.98 -3.76 29.47
CA ILE B 117 -5.49 -3.75 30.88
C ILE B 117 -5.41 -2.30 31.36
N LEU B 118 -6.07 -2.02 32.49
CA LEU B 118 -6.05 -0.73 33.22
C LEU B 118 -4.93 -0.81 34.25
N LEU B 119 -3.96 0.11 34.16
CA LEU B 119 -2.80 0.27 35.07
C LEU B 119 -3.00 1.56 35.83
N PRO B 120 -3.01 1.54 37.17
CA PRO B 120 -2.95 2.78 37.94
C PRO B 120 -1.52 3.32 37.91
N PRO B 121 -1.28 4.53 38.45
CA PRO B 121 0.06 5.10 38.46
C PRO B 121 0.98 4.25 39.33
N ASN B 122 2.29 4.46 39.17
CA ASN B 122 3.33 3.81 39.99
C ASN B 122 3.29 2.32 39.72
N MET B 123 2.89 1.93 38.50
CA MET B 123 2.94 0.54 38.01
C MET B 123 3.87 0.51 36.79
N GLY B 124 4.55 -0.62 36.58
CA GLY B 124 5.47 -0.82 35.46
C GLY B 124 4.75 -1.43 34.27
N ASN B 125 4.77 -0.73 33.13
CA ASN B 125 4.14 -1.18 31.87
C ASN B 125 5.21 -1.72 30.95
N SER B 126 4.94 -2.85 30.30
CA SER B 126 5.88 -3.49 29.35
C SER B 126 5.07 -4.36 28.37
N HIS B 127 5.68 -4.66 27.22
CA HIS B 127 5.11 -5.58 26.20
C HIS B 127 6.26 -6.11 25.36
N TYR B 128 6.14 -7.36 24.93
CA TYR B 128 7.06 -7.99 23.97
C TYR B 128 6.26 -8.37 22.72
N VAL B 129 6.85 -8.19 21.54
CA VAL B 129 6.15 -8.53 20.27
C VAL B 129 6.53 -9.96 19.85
N SER B 130 5.55 -10.86 19.92
CA SER B 130 5.68 -12.31 19.62
C SER B 130 5.31 -12.57 18.16
N SER B 131 4.54 -11.66 17.55
CA SER B 131 4.11 -11.71 16.13
C SER B 131 5.16 -11.02 15.24
N ALA B 132 5.03 -11.16 13.92
CA ALA B 132 5.87 -10.53 12.89
C ALA B 132 5.96 -9.03 13.18
N ALA B 133 4.83 -8.40 13.47
CA ALA B 133 4.77 -6.97 13.84
C ALA B 133 3.56 -6.78 14.75
N ALA B 134 3.53 -5.72 15.58
CA ALA B 134 2.37 -5.44 16.45
C ALA B 134 2.06 -3.94 16.47
N VAL B 135 0.78 -3.61 16.49
CA VAL B 135 0.25 -2.26 16.82
C VAL B 135 -0.33 -2.33 18.24
N TYR B 136 0.27 -1.57 19.14
CA TYR B 136 -0.07 -1.44 20.58
C TYR B 136 -0.79 -0.11 20.74
N TYR B 137 -1.99 -0.13 21.29
CA TYR B 137 -2.80 1.08 21.52
C TYR B 137 -2.84 1.34 23.02
N TYR B 138 -2.74 2.59 23.41
CA TYR B 138 -2.89 2.92 24.85
C TYR B 138 -3.40 4.34 25.01
N LYS B 139 -4.42 4.40 25.85
CA LYS B 139 -5.07 5.62 26.39
C LYS B 139 -4.35 6.02 27.69
N LEU B 140 -4.05 7.30 27.84
CA LEU B 140 -3.44 7.86 29.07
C LEU B 140 -4.48 8.80 29.71
N ALA B 141 -4.64 8.65 31.03
CA ALA B 141 -5.38 9.59 31.91
C ALA B 141 -4.39 10.12 32.95
N TYR B 142 -4.23 11.45 33.00
CA TYR B 142 -3.28 12.13 33.92
C TYR B 142 -3.70 13.59 34.11
N GLU B 143 -3.41 14.14 35.29
CA GLU B 143 -3.59 15.58 35.57
C GLU B 143 -2.39 16.32 34.99
N GLY B 144 -2.63 17.34 34.15
CA GLY B 144 -1.59 18.28 33.67
C GLY B 144 -0.81 17.71 32.50
N GLU B 145 0.52 17.88 32.52
CA GLU B 145 1.45 17.67 31.37
C GLU B 145 1.88 16.19 31.27
N TYR B 146 2.13 15.74 30.04
CA TYR B 146 2.63 14.38 29.75
C TYR B 146 3.91 14.14 30.58
N MET B 147 4.02 12.99 31.24
CA MET B 147 5.29 12.53 31.86
C MET B 147 6.09 11.83 30.77
N ASP B 148 7.10 12.52 30.22
CA ASP B 148 8.02 11.97 29.19
C ASP B 148 9.13 11.20 29.91
N ALA B 149 10.01 10.52 29.15
CA ALA B 149 11.08 9.61 29.64
C ALA B 149 11.89 10.20 30.81
N PRO B 150 12.24 11.52 30.85
CA PRO B 150 12.92 12.07 32.02
C PRO B 150 12.03 12.08 33.29
N ASP B 151 10.71 12.17 33.15
CA ASP B 151 9.77 12.13 34.32
C ASP B 151 9.26 10.71 34.61
N GLN B 152 9.96 9.68 34.13
CA GLN B 152 9.53 8.27 34.22
C GLN B 152 10.54 7.49 35.05
N PHE B 153 10.10 6.36 35.59
CA PHE B 153 11.04 5.33 36.10
C PHE B 153 11.11 4.23 35.03
N THR B 154 12.10 3.38 35.15
CA THR B 154 12.38 2.26 34.24
C THR B 154 12.91 1.12 35.09
N TYR B 155 12.27 -0.04 35.10
CA TYR B 155 12.87 -1.26 35.69
C TYR B 155 13.40 -2.12 34.54
N ALA B 156 14.51 -2.81 34.77
CA ALA B 156 15.15 -3.68 33.77
C ALA B 156 14.14 -4.77 33.42
N TRP B 157 13.93 -5.01 32.13
CA TRP B 157 12.97 -6.03 31.63
C TRP B 157 13.26 -7.36 32.34
N ASN B 158 14.53 -7.71 32.53
CA ASN B 158 14.97 -8.98 33.17
C ASN B 158 15.37 -8.77 34.66
N ASP B 159 14.93 -7.71 35.32
CA ASP B 159 15.27 -7.48 36.76
C ASP B 159 15.04 -8.80 37.52
N GLU B 160 16.05 -9.33 38.20
CA GLU B 160 15.98 -10.58 38.99
C GLU B 160 14.82 -10.52 39.99
N ARG B 161 14.58 -9.36 40.59
CA ARG B 161 13.62 -9.20 41.73
C ARG B 161 12.18 -9.41 41.26
N ILE B 162 11.95 -9.23 39.96
CA ILE B 162 10.63 -9.39 39.30
C ILE B 162 10.57 -10.80 38.74
N GLY B 163 11.62 -11.20 38.03
CA GLY B 163 11.78 -12.55 37.45
C GLY B 163 10.69 -12.87 36.44
N ILE B 164 10.30 -11.93 35.59
CA ILE B 164 9.23 -12.11 34.56
C ILE B 164 9.64 -13.26 33.64
N ASP B 165 8.69 -14.11 33.27
CA ASP B 165 8.89 -15.15 32.24
C ASP B 165 8.71 -14.48 30.87
N TRP B 166 9.82 -14.26 30.15
CA TRP B 166 9.86 -13.69 28.78
C TRP B 166 10.19 -14.81 27.81
N PRO B 167 9.61 -14.82 26.59
CA PRO B 167 9.90 -15.87 25.62
C PRO B 167 11.23 -15.66 24.86
N THR B 168 12.16 -14.90 25.43
CA THR B 168 13.51 -14.72 24.83
C THR B 168 14.47 -14.11 25.85
N ASN B 169 15.75 -14.38 25.64
CA ASN B 169 16.91 -13.87 26.40
C ASN B 169 17.44 -12.60 25.74
N THR B 170 17.13 -12.35 24.46
CA THR B 170 17.75 -11.23 23.68
C THR B 170 16.72 -10.44 22.88
N PRO B 171 15.87 -9.65 23.54
CA PRO B 171 14.94 -8.79 22.83
C PRO B 171 15.64 -7.58 22.17
N ILE B 172 15.00 -6.98 21.18
CA ILE B 172 15.41 -5.64 20.65
C ILE B 172 14.92 -4.56 21.63
N LEU B 173 15.85 -3.74 22.12
CA LEU B 173 15.58 -2.71 23.18
C LEU B 173 16.07 -1.33 22.76
N SER B 174 15.47 -0.31 23.36
CA SER B 174 15.99 1.09 23.39
C SER B 174 17.24 1.18 24.27
N ASP B 175 18.01 2.26 24.06
CA ASP B 175 19.17 2.61 24.90
C ASP B 175 18.77 2.64 26.37
N ARG B 176 17.65 3.27 26.71
CA ARG B 176 17.22 3.42 28.12
C ARG B 176 16.82 2.05 28.70
N ASP B 177 16.22 1.17 27.88
CA ASP B 177 15.80 -0.18 28.34
C ASP B 177 17.06 -1.06 28.43
N ILE B 178 18.12 -0.75 27.65
CA ILE B 178 19.42 -1.46 27.77
C ILE B 178 20.13 -0.94 29.02
N LEU B 179 20.25 0.37 29.17
CA LEU B 179 20.85 0.97 30.39
C LEU B 179 20.27 0.28 31.64
N ALA B 180 18.93 0.16 31.73
CA ALA B 180 18.24 -0.42 32.90
C ALA B 180 18.91 -1.73 33.33
N THR B 181 19.31 -2.58 32.38
CA THR B 181 19.82 -3.95 32.65
C THR B 181 21.23 -3.87 33.23
N LYS B 182 21.98 -2.80 32.97
CA LYS B 182 23.40 -2.64 33.43
C LYS B 182 23.47 -1.61 34.56
N ASN B 183 22.40 -0.86 34.76
CA ASN B 183 22.31 0.20 35.78
C ASN B 183 21.09 -0.07 36.68
N MET C 5 11.81 -40.95 -7.76
CA MET C 5 10.39 -41.22 -7.36
C MET C 5 9.54 -41.46 -8.63
N ALA C 6 8.74 -42.55 -8.65
CA ALA C 6 7.72 -42.82 -9.67
C ALA C 6 6.45 -42.06 -9.31
N ILE C 7 5.69 -41.62 -10.31
CA ILE C 7 4.39 -40.89 -10.17
C ILE C 7 3.31 -41.90 -9.80
N GLU C 8 2.72 -41.79 -8.59
CA GLU C 8 1.66 -42.70 -8.11
C GLU C 8 0.42 -41.92 -7.70
N PHE C 9 -0.68 -42.65 -7.56
CA PHE C 9 -1.99 -42.16 -7.07
C PHE C 9 -2.60 -43.20 -6.12
N ASP C 10 -2.85 -42.79 -4.87
CA ASP C 10 -3.74 -43.53 -3.96
C ASP C 10 -5.17 -43.10 -4.30
N ILE C 11 -6.02 -44.06 -4.71
CA ILE C 11 -7.45 -43.78 -5.05
C ILE C 11 -8.34 -44.61 -4.13
N GLN C 12 -9.26 -43.95 -3.44
CA GLN C 12 -10.29 -44.63 -2.61
C GLN C 12 -11.66 -44.02 -2.88
N GLU C 13 -12.69 -44.83 -2.67
CA GLU C 13 -14.07 -44.36 -2.83
C GLU C 13 -14.54 -43.84 -1.47
N SER C 14 -15.28 -42.74 -1.49
CA SER C 14 -16.05 -42.22 -0.34
C SER C 14 -16.85 -43.38 0.23
N LYS C 15 -16.86 -43.53 1.56
CA LYS C 15 -17.70 -44.46 2.33
C LYS C 15 -19.02 -43.75 2.69
N ILE C 16 -19.23 -42.55 2.15
CA ILE C 16 -20.43 -41.73 2.45
C ILE C 16 -21.21 -41.50 1.15
N LEU C 17 -20.54 -41.06 0.10
CA LEU C 17 -21.21 -40.75 -1.20
C LEU C 17 -20.63 -41.65 -2.29
N LYS C 18 -21.40 -42.65 -2.71
CA LYS C 18 -20.92 -43.67 -3.65
C LYS C 18 -20.74 -42.97 -5.01
N GLY C 19 -19.62 -43.26 -5.68
CA GLY C 19 -19.25 -42.64 -6.96
C GLY C 19 -18.28 -41.47 -6.77
N VAL C 20 -18.02 -41.06 -5.53
CA VAL C 20 -17.11 -39.91 -5.23
C VAL C 20 -15.75 -40.49 -4.86
N TYR C 21 -14.69 -40.12 -5.56
CA TYR C 21 -13.35 -40.70 -5.30
C TYR C 21 -12.45 -39.63 -4.70
N ILE C 22 -11.61 -40.07 -3.76
CA ILE C 22 -10.56 -39.23 -3.15
C ILE C 22 -9.22 -39.73 -3.70
N ILE C 23 -8.52 -38.86 -4.44
CA ILE C 23 -7.27 -39.16 -5.19
C ILE C 23 -6.14 -38.48 -4.41
N THR C 24 -5.14 -39.23 -3.96
CA THR C 24 -4.02 -38.70 -3.16
C THR C 24 -2.73 -38.95 -3.94
N PRO C 25 -2.20 -37.96 -4.69
CA PRO C 25 -0.92 -38.12 -5.39
C PRO C 25 0.25 -38.16 -4.42
N ASN C 26 1.36 -38.79 -4.81
CA ASN C 26 2.63 -38.69 -4.06
C ASN C 26 3.27 -37.37 -4.47
N LYS C 27 4.18 -36.85 -3.65
CA LYS C 27 4.94 -35.61 -3.91
C LYS C 27 6.42 -35.95 -3.79
N PHE C 28 7.24 -35.39 -4.68
CA PHE C 28 8.70 -35.28 -4.48
C PHE C 28 8.95 -34.02 -3.66
N ARG C 29 9.44 -34.20 -2.43
CA ARG C 29 9.73 -33.13 -1.45
C ARG C 29 11.24 -32.96 -1.30
N ASP C 30 11.74 -31.72 -1.33
CA ASP C 30 13.18 -31.40 -1.15
C ASP C 30 13.31 -29.97 -0.57
N LEU C 31 14.53 -29.41 -0.60
CA LEU C 31 14.88 -28.06 -0.09
C LEU C 31 14.12 -26.95 -0.85
N ARG C 32 13.58 -27.23 -2.03
CA ARG C 32 12.93 -26.22 -2.93
C ARG C 32 11.42 -26.15 -2.69
N GLY C 33 10.82 -27.25 -2.25
CA GLY C 33 9.36 -27.42 -2.12
C GLY C 33 8.93 -28.77 -2.67
N GLU C 34 7.85 -28.80 -3.46
CA GLU C 34 7.19 -30.08 -3.82
C GLU C 34 6.83 -30.10 -5.29
N ILE C 35 6.95 -31.27 -5.91
CA ILE C 35 6.45 -31.54 -7.28
C ILE C 35 5.39 -32.61 -7.12
N TRP C 36 4.25 -32.44 -7.79
CA TRP C 36 3.28 -33.55 -7.87
C TRP C 36 2.46 -33.44 -9.14
N THR C 37 1.84 -34.56 -9.49
CA THR C 37 0.94 -34.70 -10.65
C THR C 37 -0.50 -34.63 -10.13
N ALA C 38 -1.32 -33.77 -10.72
CA ALA C 38 -2.76 -33.67 -10.42
C ALA C 38 -3.50 -34.69 -11.28
N PHE C 39 -3.05 -34.89 -12.52
CA PHE C 39 -3.77 -35.66 -13.53
C PHE C 39 -2.77 -36.33 -14.47
N THR C 40 -3.04 -37.59 -14.77
CA THR C 40 -2.47 -38.39 -15.89
C THR C 40 -3.69 -38.98 -16.59
N ASP C 41 -3.76 -38.95 -17.93
CA ASP C 41 -4.89 -39.60 -18.64
C ASP C 41 -4.89 -41.09 -18.26
N GLU C 42 -3.72 -41.74 -18.32
CA GLU C 42 -3.54 -43.21 -18.13
C GLU C 42 -4.16 -43.64 -16.81
N TYR C 43 -3.86 -42.89 -15.74
CA TYR C 43 -4.06 -43.26 -14.31
C TYR C 43 -5.46 -42.85 -13.84
N LEU C 44 -5.98 -41.68 -14.25
CA LEU C 44 -7.22 -41.10 -13.67
C LEU C 44 -8.35 -41.02 -14.70
N SER C 45 -8.16 -41.47 -15.94
CA SER C 45 -9.23 -41.48 -16.96
C SER C 45 -10.17 -42.67 -16.70
N LYS C 46 -9.67 -43.69 -16.00
CA LYS C 46 -10.41 -44.94 -15.62
C LYS C 46 -11.49 -44.65 -14.56
N LEU C 47 -11.44 -43.50 -13.89
CA LEU C 47 -12.43 -43.12 -12.84
C LEU C 47 -13.77 -42.81 -13.48
N VAL C 48 -13.74 -42.36 -14.74
CA VAL C 48 -14.92 -41.89 -15.53
C VAL C 48 -15.21 -42.95 -16.60
N PRO C 49 -16.50 -43.15 -16.98
CA PRO C 49 -16.84 -43.98 -18.14
C PRO C 49 -16.02 -43.83 -19.42
N ASP C 50 -16.14 -44.80 -20.33
CA ASP C 50 -15.59 -44.73 -21.70
C ASP C 50 -16.19 -43.54 -22.47
N GLY C 51 -15.38 -42.88 -23.28
CA GLY C 51 -15.82 -41.81 -24.19
C GLY C 51 -16.20 -40.54 -23.45
N ILE C 52 -15.66 -40.36 -22.25
CA ILE C 52 -15.75 -39.08 -21.49
C ILE C 52 -14.32 -38.69 -21.15
N LYS C 53 -13.85 -37.58 -21.70
CA LYS C 53 -12.46 -37.08 -21.54
C LYS C 53 -12.47 -35.76 -20.73
N PHE C 54 -11.50 -35.63 -19.83
CA PHE C 54 -11.16 -34.36 -19.15
C PHE C 54 -10.52 -33.41 -20.17
N LYS C 55 -11.24 -32.35 -20.54
CA LYS C 55 -10.87 -31.50 -21.70
C LYS C 55 -10.89 -30.02 -21.32
N HIS C 56 -10.98 -29.69 -20.02
CA HIS C 56 -11.28 -28.31 -19.52
C HIS C 56 -10.61 -28.11 -18.16
N ASP C 57 -9.73 -27.12 -18.06
CA ASP C 57 -8.98 -26.74 -16.83
C ASP C 57 -9.43 -25.35 -16.40
N LYS C 58 -9.81 -25.22 -15.12
CA LYS C 58 -10.25 -23.93 -14.53
C LYS C 58 -9.48 -23.68 -13.23
N PHE C 59 -9.18 -22.42 -12.99
CA PHE C 59 -8.70 -21.88 -11.70
C PHE C 59 -9.76 -20.91 -11.19
N ILE C 60 -10.02 -21.02 -9.90
CA ILE C 60 -10.90 -20.08 -9.15
C ILE C 60 -10.02 -19.54 -8.01
N ASN C 61 -9.66 -18.25 -8.07
CA ASN C 61 -8.85 -17.54 -7.04
CA ASN C 61 -8.86 -17.57 -7.01
C ASN C 61 -9.83 -16.78 -6.14
N SER C 62 -9.84 -17.05 -4.83
CA SER C 62 -10.87 -16.48 -3.91
C SER C 62 -10.23 -15.96 -2.62
N HIS C 63 -10.83 -14.94 -2.00
CA HIS C 63 -10.33 -14.36 -0.74
C HIS C 63 -10.79 -15.25 0.43
N PHE C 64 -10.16 -15.09 1.59
CA PHE C 64 -10.71 -15.61 2.88
C PHE C 64 -12.21 -15.37 2.95
N ASN C 65 -12.95 -16.38 3.44
CA ASN C 65 -14.37 -16.27 3.86
C ASN C 65 -15.30 -16.32 2.65
N VAL C 66 -14.80 -16.52 1.43
CA VAL C 66 -15.65 -16.77 0.23
C VAL C 66 -16.25 -18.18 0.31
N LEU C 67 -17.53 -18.33 0.00
CA LEU C 67 -18.18 -19.64 -0.21
C LEU C 67 -18.80 -19.63 -1.62
N ARG C 68 -18.40 -20.58 -2.46
CA ARG C 68 -18.95 -20.80 -3.82
C ARG C 68 -19.70 -22.13 -3.76
N GLY C 69 -21.01 -22.09 -4.03
CA GLY C 69 -21.84 -23.29 -4.17
C GLY C 69 -23.25 -23.04 -3.67
N ILE C 70 -24.09 -24.08 -3.69
CA ILE C 70 -23.75 -25.43 -4.14
C ILE C 70 -24.15 -25.56 -5.61
N HIS C 71 -23.24 -25.99 -6.49
CA HIS C 71 -23.45 -25.97 -7.96
C HIS C 71 -23.26 -27.38 -8.55
N GLY C 72 -24.16 -27.79 -9.46
CA GLY C 72 -23.99 -29.01 -10.26
C GLY C 72 -24.71 -28.91 -11.58
N ASP C 73 -24.50 -29.91 -12.44
CA ASP C 73 -25.20 -30.06 -13.74
C ASP C 73 -25.51 -31.56 -13.93
N VAL C 74 -26.22 -31.90 -15.01
CA VAL C 74 -26.70 -33.29 -15.29
C VAL C 74 -25.60 -34.12 -15.97
N LYS C 75 -24.49 -33.54 -16.45
CA LYS C 75 -23.55 -34.31 -17.31
C LYS C 75 -22.06 -34.16 -16.94
N THR C 76 -21.62 -33.18 -16.14
CA THR C 76 -20.16 -32.90 -15.97
C THR C 76 -19.57 -33.66 -14.79
N TYR C 77 -18.51 -34.44 -15.02
CA TYR C 77 -17.62 -34.99 -13.98
C TYR C 77 -16.56 -33.93 -13.66
N LYS C 78 -16.23 -33.76 -12.38
CA LYS C 78 -15.31 -32.72 -11.88
C LYS C 78 -14.22 -33.34 -11.03
N LEU C 79 -12.97 -32.98 -11.31
CA LEU C 79 -11.79 -33.27 -10.48
C LEU C 79 -11.32 -31.96 -9.85
N VAL C 80 -11.44 -31.83 -8.53
CA VAL C 80 -11.27 -30.52 -7.83
C VAL C 80 -10.22 -30.67 -6.75
N THR C 81 -9.44 -29.62 -6.57
CA THR C 81 -8.47 -29.52 -5.46
C THR C 81 -8.17 -28.05 -5.21
N CYS C 82 -7.38 -27.81 -4.16
CA CYS C 82 -6.82 -26.50 -3.79
C CYS C 82 -5.30 -26.59 -3.86
N VAL C 83 -4.66 -25.73 -4.65
CA VAL C 83 -3.19 -25.83 -4.94
C VAL C 83 -2.44 -24.75 -4.17
N TYR C 84 -3.14 -23.86 -3.47
CA TYR C 84 -2.48 -22.91 -2.54
C TYR C 84 -3.54 -22.43 -1.57
N GLY C 85 -3.15 -22.34 -0.30
CA GLY C 85 -4.01 -22.03 0.85
C GLY C 85 -4.81 -23.24 1.27
N GLU C 86 -6.05 -23.03 1.69
CA GLU C 86 -6.87 -24.06 2.36
C GLU C 86 -8.34 -23.76 2.14
N VAL C 87 -9.09 -24.83 1.91
CA VAL C 87 -10.47 -24.77 1.41
C VAL C 87 -11.20 -25.89 2.15
N HIS C 88 -12.38 -25.63 2.68
CA HIS C 88 -13.36 -26.68 3.05
C HIS C 88 -14.17 -27.03 1.79
N GLN C 89 -13.77 -28.09 1.09
CA GLN C 89 -14.45 -28.71 -0.09
C GLN C 89 -15.63 -29.54 0.41
N VAL C 90 -16.85 -29.15 0.07
CA VAL C 90 -18.05 -29.98 0.39
C VAL C 90 -18.66 -30.46 -0.92
N VAL C 91 -18.81 -31.79 -1.01
CA VAL C 91 -19.59 -32.51 -2.06
C VAL C 91 -20.96 -32.85 -1.46
N VAL C 92 -22.04 -32.53 -2.17
CA VAL C 92 -23.41 -32.94 -1.77
C VAL C 92 -23.88 -34.00 -2.76
N ASP C 93 -24.46 -35.10 -2.27
CA ASP C 93 -25.15 -36.06 -3.17
C ASP C 93 -26.46 -35.39 -3.59
N CYS C 94 -26.54 -34.97 -4.86
CA CYS C 94 -27.72 -34.29 -5.45
C CYS C 94 -28.41 -35.23 -6.46
N ARG C 95 -28.17 -36.54 -6.37
CA ARG C 95 -28.91 -37.56 -7.17
C ARG C 95 -30.19 -37.92 -6.41
N LYS C 96 -31.36 -37.50 -6.92
CA LYS C 96 -32.65 -37.65 -6.22
C LYS C 96 -33.04 -39.13 -6.07
N ASP C 97 -32.46 -40.02 -6.89
CA ASP C 97 -32.68 -41.49 -6.83
C ASP C 97 -31.77 -42.10 -5.76
N SER C 98 -30.67 -41.44 -5.38
CA SER C 98 -29.65 -42.04 -4.49
C SER C 98 -30.23 -42.23 -3.09
N PRO C 99 -29.86 -43.34 -2.41
CA PRO C 99 -30.23 -43.53 -1.01
C PRO C 99 -29.49 -42.54 -0.09
N THR C 100 -28.43 -41.87 -0.55
CA THR C 100 -27.71 -40.83 0.24
C THR C 100 -27.98 -39.44 -0.33
N TYR C 101 -29.11 -39.26 -1.01
CA TYR C 101 -29.54 -37.96 -1.55
C TYR C 101 -29.47 -36.91 -0.42
N LEU C 102 -28.89 -35.75 -0.72
CA LEU C 102 -28.65 -34.56 0.16
C LEU C 102 -27.76 -34.88 1.38
N LYS C 103 -27.15 -36.07 1.48
CA LYS C 103 -25.97 -36.27 2.34
C LYS C 103 -24.79 -35.48 1.76
N TRP C 104 -23.74 -35.29 2.57
CA TRP C 104 -22.58 -34.44 2.25
C TRP C 104 -21.34 -34.98 2.94
N GLU C 105 -20.19 -34.69 2.33
CA GLU C 105 -18.86 -35.01 2.89
C GLU C 105 -17.94 -33.84 2.62
N LYS C 106 -17.19 -33.46 3.65
CA LYS C 106 -16.22 -32.34 3.60
C LYS C 106 -14.81 -32.91 3.51
N PHE C 107 -13.98 -32.27 2.70
CA PHE C 107 -12.53 -32.53 2.58
C PHE C 107 -11.84 -31.17 2.76
N ILE C 108 -11.07 -31.03 3.85
CA ILE C 108 -10.21 -29.84 4.10
C ILE C 108 -8.90 -30.06 3.35
N ILE C 109 -8.74 -29.39 2.22
CA ILE C 109 -7.59 -29.61 1.30
C ILE C 109 -6.58 -28.48 1.50
N SER C 110 -5.31 -28.83 1.54
CA SER C 110 -4.17 -27.90 1.74
C SER C 110 -2.84 -28.60 1.43
N TYR C 111 -1.74 -27.92 1.79
CA TYR C 111 -0.33 -28.40 1.72
C TYR C 111 -0.26 -29.76 2.42
N LYS C 112 -0.93 -29.93 3.56
CA LYS C 112 -0.77 -31.11 4.45
C LYS C 112 -1.75 -32.23 4.04
N ASN C 113 -2.80 -31.93 3.29
CA ASN C 113 -3.76 -32.95 2.82
C ASN C 113 -4.06 -32.69 1.34
N GLN C 114 -3.08 -32.95 0.47
CA GLN C 114 -3.19 -32.60 -0.96
C GLN C 114 -3.99 -33.69 -1.68
N GLN C 115 -5.32 -33.60 -1.63
CA GLN C 115 -6.25 -34.55 -2.29
C GLN C 115 -7.01 -33.86 -3.42
N LEU C 116 -7.39 -34.64 -4.42
CA LEU C 116 -8.32 -34.21 -5.48
C LEU C 116 -9.59 -35.04 -5.29
N ILE C 117 -10.76 -34.39 -5.35
CA ILE C 117 -12.07 -35.10 -5.29
C ILE C 117 -12.61 -35.20 -6.72
N LEU C 118 -12.98 -36.41 -7.13
CA LEU C 118 -13.78 -36.61 -8.35
C LEU C 118 -15.27 -36.68 -7.97
N LEU C 119 -16.07 -35.77 -8.53
CA LEU C 119 -17.54 -35.79 -8.39
C LEU C 119 -18.09 -36.27 -9.71
N PRO C 120 -19.00 -37.26 -9.71
CA PRO C 120 -19.78 -37.56 -10.90
C PRO C 120 -20.80 -36.45 -11.13
N PRO C 121 -21.61 -36.50 -12.22
CA PRO C 121 -22.66 -35.50 -12.44
C PRO C 121 -23.82 -35.64 -11.46
N ASN C 122 -24.70 -34.64 -11.46
CA ASN C 122 -25.87 -34.50 -10.55
C ASN C 122 -25.39 -34.51 -9.09
N MET C 123 -24.19 -33.97 -8.82
CA MET C 123 -23.61 -33.79 -7.46
C MET C 123 -23.37 -32.29 -7.19
N GLY C 124 -23.50 -31.89 -5.93
CA GLY C 124 -23.30 -30.50 -5.46
C GLY C 124 -21.84 -30.22 -5.23
N ASN C 125 -21.28 -29.21 -5.93
CA ASN C 125 -19.89 -28.77 -5.68
C ASN C 125 -19.95 -27.45 -4.90
N SER C 126 -19.13 -27.34 -3.87
CA SER C 126 -18.99 -26.09 -3.10
C SER C 126 -17.63 -26.07 -2.41
N HIS C 127 -17.13 -24.89 -2.06
CA HIS C 127 -15.96 -24.77 -1.17
C HIS C 127 -15.98 -23.42 -0.45
N TYR C 128 -15.33 -23.41 0.72
CA TYR C 128 -15.17 -22.23 1.60
C TYR C 128 -13.67 -22.06 1.83
N VAL C 129 -13.19 -20.83 1.61
CA VAL C 129 -11.75 -20.46 1.72
C VAL C 129 -11.49 -20.10 3.19
N SER C 130 -10.70 -20.91 3.87
CA SER C 130 -10.35 -20.72 5.29
C SER C 130 -8.97 -20.05 5.42
N SER C 131 -8.19 -19.98 4.33
CA SER C 131 -6.87 -19.31 4.29
C SER C 131 -7.07 -17.86 3.89
N ALA C 132 -6.03 -17.04 3.96
CA ALA C 132 -6.02 -15.62 3.54
C ALA C 132 -6.50 -15.53 2.09
N ALA C 133 -6.09 -16.49 1.27
CA ALA C 133 -6.43 -16.57 -0.17
C ALA C 133 -6.32 -18.02 -0.58
N ALA C 134 -7.03 -18.44 -1.64
CA ALA C 134 -6.89 -19.82 -2.13
C ALA C 134 -6.98 -19.86 -3.64
N VAL C 135 -6.23 -20.80 -4.21
CA VAL C 135 -6.32 -21.16 -5.65
C VAL C 135 -6.91 -22.55 -5.70
N TYR C 136 -8.04 -22.62 -6.40
CA TYR C 136 -8.88 -23.82 -6.56
C TYR C 136 -8.72 -24.25 -8.01
N TYR C 137 -8.17 -25.44 -8.20
CA TYR C 137 -7.96 -26.03 -9.54
C TYR C 137 -9.11 -27.00 -9.77
N TYR C 138 -9.73 -26.99 -10.95
CA TYR C 138 -10.57 -28.15 -11.29
C TYR C 138 -10.63 -28.39 -12.81
N LYS C 139 -10.57 -29.68 -13.11
CA LYS C 139 -10.73 -30.26 -14.46
C LYS C 139 -12.19 -30.72 -14.64
N LEU C 140 -12.72 -30.50 -15.84
CA LEU C 140 -14.10 -30.88 -16.20
C LEU C 140 -14.02 -31.94 -17.31
N ALA C 141 -14.74 -33.04 -17.11
CA ALA C 141 -14.97 -34.11 -18.10
C ALA C 141 -16.46 -34.08 -18.46
N TYR C 142 -16.79 -33.57 -19.65
CA TYR C 142 -18.16 -33.59 -20.21
C TYR C 142 -18.07 -33.91 -21.69
N GLU C 143 -19.21 -34.03 -22.39
CA GLU C 143 -19.24 -34.49 -23.80
C GLU C 143 -19.52 -33.31 -24.73
N GLY C 144 -20.39 -32.37 -24.35
CA GLY C 144 -20.88 -31.36 -25.32
C GLY C 144 -20.23 -30.01 -25.10
N GLU C 145 -21.04 -28.96 -25.25
CA GLU C 145 -20.73 -27.59 -24.78
C GLU C 145 -20.64 -27.60 -23.25
N TYR C 146 -19.80 -26.72 -22.69
CA TYR C 146 -19.73 -26.35 -21.25
C TYR C 146 -21.15 -26.02 -20.74
N MET C 147 -21.43 -26.42 -19.50
CA MET C 147 -22.68 -26.06 -18.77
C MET C 147 -22.41 -24.81 -17.92
N ASP C 148 -22.92 -23.65 -18.33
CA ASP C 148 -22.81 -22.36 -17.57
C ASP C 148 -24.01 -22.27 -16.62
N ALA C 149 -24.09 -21.19 -15.85
CA ALA C 149 -25.03 -20.99 -14.70
C ALA C 149 -26.47 -21.36 -15.08
N PRO C 150 -27.05 -20.88 -16.20
CA PRO C 150 -28.43 -21.22 -16.55
C PRO C 150 -28.70 -22.71 -16.85
N ASP C 151 -27.66 -23.51 -17.12
CA ASP C 151 -27.77 -24.98 -17.36
C ASP C 151 -27.25 -25.77 -16.14
N GLN C 152 -26.94 -25.06 -15.05
CA GLN C 152 -26.55 -25.63 -13.73
C GLN C 152 -27.76 -25.55 -12.78
N PHE C 153 -27.86 -26.47 -11.83
CA PHE C 153 -28.76 -26.31 -10.67
C PHE C 153 -27.96 -25.67 -9.54
N THR C 154 -28.65 -25.01 -8.60
CA THR C 154 -28.04 -24.43 -7.37
C THR C 154 -28.78 -24.91 -6.13
N TYR C 155 -28.03 -25.40 -5.13
CA TYR C 155 -28.56 -25.61 -3.76
C TYR C 155 -27.97 -24.53 -2.88
N ALA C 156 -28.80 -24.01 -1.95
CA ALA C 156 -28.42 -23.04 -0.91
C ALA C 156 -27.28 -23.62 -0.06
N TRP C 157 -26.19 -22.86 0.11
CA TRP C 157 -25.03 -23.24 0.94
C TRP C 157 -25.53 -23.75 2.31
N ASN C 158 -26.54 -23.09 2.87
CA ASN C 158 -27.05 -23.38 4.24
C ASN C 158 -28.42 -24.07 4.20
N ASP C 159 -28.80 -24.70 3.08
CA ASP C 159 -30.05 -25.52 3.00
C ASP C 159 -30.07 -26.48 4.21
N GLU C 160 -31.13 -26.44 5.01
CA GLU C 160 -31.20 -27.19 6.29
C GLU C 160 -31.51 -28.67 6.05
N ARG C 161 -32.04 -29.02 4.87
CA ARG C 161 -32.21 -30.44 4.45
C ARG C 161 -30.82 -31.09 4.33
N ILE C 162 -29.79 -30.30 3.98
CA ILE C 162 -28.40 -30.80 3.78
C ILE C 162 -27.64 -30.65 5.11
N GLY C 163 -27.77 -29.48 5.75
CA GLY C 163 -27.14 -29.18 7.05
C GLY C 163 -25.63 -29.30 7.00
N ILE C 164 -24.98 -28.71 6.01
CA ILE C 164 -23.49 -28.74 5.95
C ILE C 164 -22.96 -28.03 7.22
N ASP C 165 -21.85 -28.53 7.78
CA ASP C 165 -21.14 -27.87 8.90
C ASP C 165 -20.07 -26.96 8.30
N TRP C 166 -20.39 -25.69 8.14
CA TRP C 166 -19.48 -24.64 7.62
C TRP C 166 -18.78 -23.96 8.80
N PRO C 167 -17.52 -23.49 8.69
CA PRO C 167 -16.86 -22.83 9.80
C PRO C 167 -17.36 -21.42 10.12
N THR C 168 -18.40 -20.91 9.43
CA THR C 168 -19.00 -19.57 9.69
C THR C 168 -20.45 -19.54 9.23
N ASN C 169 -21.25 -18.61 9.79
CA ASN C 169 -22.62 -18.33 9.27
C ASN C 169 -22.63 -17.03 8.49
N THR C 170 -21.47 -16.45 8.16
CA THR C 170 -21.43 -15.14 7.46
C THR C 170 -20.37 -15.20 6.37
N PRO C 171 -20.60 -16.00 5.30
CA PRO C 171 -19.67 -16.07 4.18
C PRO C 171 -19.93 -14.93 3.19
N ILE C 172 -18.95 -14.65 2.34
CA ILE C 172 -19.04 -13.75 1.14
C ILE C 172 -19.66 -14.55 -0.01
N LEU C 173 -20.81 -14.11 -0.54
CA LEU C 173 -21.54 -14.88 -1.56
C LEU C 173 -21.79 -14.03 -2.80
N SER C 174 -21.72 -14.64 -3.97
CA SER C 174 -22.32 -14.09 -5.22
C SER C 174 -23.83 -13.93 -5.04
N ASP C 175 -24.43 -13.09 -5.89
CA ASP C 175 -25.89 -12.89 -5.95
C ASP C 175 -26.57 -14.22 -6.32
N ARG C 176 -25.99 -15.00 -7.22
CA ARG C 176 -26.53 -16.35 -7.58
C ARG C 176 -26.68 -17.15 -6.29
N ASP C 177 -25.69 -17.10 -5.39
CA ASP C 177 -25.61 -18.02 -4.22
C ASP C 177 -26.46 -17.46 -3.07
N ILE C 178 -26.65 -16.13 -3.02
CA ILE C 178 -27.58 -15.43 -2.09
C ILE C 178 -29.00 -15.83 -2.50
N LEU C 179 -29.27 -15.80 -3.79
CA LEU C 179 -30.64 -16.04 -4.33
C LEU C 179 -31.08 -17.47 -3.94
N ALA C 180 -30.21 -18.48 -4.01
CA ALA C 180 -30.57 -19.87 -3.65
C ALA C 180 -31.15 -19.92 -2.22
N THR C 181 -30.77 -18.99 -1.33
CA THR C 181 -31.13 -19.04 0.11
C THR C 181 -32.55 -18.51 0.35
N LYS C 182 -33.12 -17.80 -0.64
CA LYS C 182 -34.48 -17.19 -0.55
C LYS C 182 -35.52 -18.15 -1.10
N ASN C 183 -35.12 -19.00 -2.06
CA ASN C 183 -35.99 -19.95 -2.81
C ASN C 183 -36.28 -21.15 -1.89
N MET D 5 -20.24 -13.82 -19.81
CA MET D 5 -18.84 -13.76 -20.34
C MET D 5 -18.47 -15.13 -20.93
N ALA D 6 -17.98 -15.18 -22.17
CA ALA D 6 -17.55 -16.42 -22.85
C ALA D 6 -16.04 -16.62 -22.66
N ILE D 7 -15.61 -17.86 -22.45
CA ILE D 7 -14.18 -18.27 -22.44
C ILE D 7 -13.49 -17.64 -23.67
N GLU D 8 -12.28 -17.13 -23.52
CA GLU D 8 -11.48 -16.60 -24.65
C GLU D 8 -10.01 -16.86 -24.39
N PHE D 9 -9.25 -17.04 -25.46
CA PHE D 9 -7.79 -17.04 -25.46
C PHE D 9 -7.35 -16.05 -26.54
N ASP D 10 -6.40 -15.17 -26.17
CA ASP D 10 -5.50 -14.47 -27.11
C ASP D 10 -4.26 -15.37 -27.25
N ILE D 11 -3.88 -15.66 -28.50
CA ILE D 11 -2.73 -16.55 -28.83
C ILE D 11 -1.84 -15.76 -29.78
N GLN D 12 -0.60 -15.47 -29.39
CA GLN D 12 0.38 -14.77 -30.27
C GLN D 12 1.73 -15.48 -30.17
N GLU D 13 2.47 -15.52 -31.28
CA GLU D 13 3.79 -16.20 -31.35
C GLU D 13 4.82 -15.29 -30.70
N SER D 14 5.89 -15.86 -30.14
CA SER D 14 7.02 -15.08 -29.61
C SER D 14 7.67 -14.32 -30.79
N LYS D 15 8.21 -13.13 -30.54
CA LYS D 15 8.95 -12.34 -31.54
C LYS D 15 10.40 -12.83 -31.58
N ILE D 16 10.82 -13.60 -30.56
CA ILE D 16 12.24 -13.96 -30.28
C ILE D 16 12.52 -15.43 -30.64
N LEU D 17 11.71 -16.38 -30.17
CA LEU D 17 11.89 -17.84 -30.39
C LEU D 17 10.71 -18.35 -31.21
N LYS D 18 10.94 -18.75 -32.46
CA LYS D 18 9.86 -19.31 -33.34
C LYS D 18 9.30 -20.56 -32.68
N GLY D 19 7.99 -20.77 -32.78
CA GLY D 19 7.30 -21.94 -32.24
C GLY D 19 6.88 -21.76 -30.78
N VAL D 20 7.43 -20.77 -30.08
CA VAL D 20 6.97 -20.43 -28.70
C VAL D 20 5.75 -19.52 -28.88
N TYR D 21 4.64 -19.88 -28.23
CA TYR D 21 3.38 -19.11 -28.23
C TYR D 21 3.04 -18.66 -26.81
N ILE D 22 2.36 -17.51 -26.72
CA ILE D 22 1.90 -16.87 -25.46
C ILE D 22 0.38 -16.81 -25.49
N ILE D 23 -0.26 -17.58 -24.60
CA ILE D 23 -1.73 -17.72 -24.45
C ILE D 23 -2.15 -16.86 -23.25
N THR D 24 -3.08 -15.94 -23.47
CA THR D 24 -3.64 -15.08 -22.40
C THR D 24 -5.13 -15.39 -22.34
N PRO D 25 -5.64 -15.92 -21.19
CA PRO D 25 -7.06 -16.15 -21.02
C PRO D 25 -7.72 -14.85 -20.54
N ASN D 26 -9.02 -14.72 -20.76
CA ASN D 26 -9.84 -13.66 -20.11
C ASN D 26 -10.22 -14.18 -18.72
N LYS D 27 -10.61 -13.31 -17.79
CA LYS D 27 -10.96 -13.68 -16.40
C LYS D 27 -12.30 -13.05 -16.04
N PHE D 28 -13.17 -13.78 -15.33
CA PHE D 28 -14.36 -13.17 -14.67
C PHE D 28 -13.93 -12.71 -13.28
N ARG D 29 -14.03 -11.40 -13.02
CA ARG D 29 -13.61 -10.79 -11.73
C ARG D 29 -14.90 -10.35 -11.01
N ASP D 30 -15.02 -10.64 -9.71
CA ASP D 30 -16.15 -10.15 -8.88
C ASP D 30 -15.65 -9.97 -7.45
N LEU D 31 -16.56 -9.76 -6.49
CA LEU D 31 -16.23 -9.50 -5.08
C LEU D 31 -15.47 -10.67 -4.44
N ARG D 32 -15.51 -11.88 -5.03
CA ARG D 32 -14.90 -13.07 -4.40
C ARG D 32 -13.50 -13.34 -4.97
N GLY D 33 -13.14 -12.73 -6.10
CA GLY D 33 -11.88 -13.02 -6.81
C GLY D 33 -12.09 -13.23 -8.29
N GLU D 34 -11.44 -14.24 -8.86
CA GLU D 34 -11.44 -14.50 -10.32
C GLU D 34 -11.73 -15.97 -10.62
N ILE D 35 -12.38 -16.21 -11.76
CA ILE D 35 -12.54 -17.53 -12.43
C ILE D 35 -11.92 -17.37 -13.83
N TRP D 36 -11.19 -18.38 -14.28
CA TRP D 36 -10.65 -18.42 -15.66
C TRP D 36 -10.36 -19.87 -16.09
N THR D 37 -10.36 -20.06 -17.40
CA THR D 37 -10.02 -21.32 -18.09
C THR D 37 -8.56 -21.20 -18.53
N ALA D 38 -7.70 -22.11 -18.08
CA ALA D 38 -6.29 -22.21 -18.52
C ALA D 38 -6.16 -22.98 -19.85
N PHE D 39 -7.13 -23.85 -20.16
CA PHE D 39 -7.06 -24.81 -21.30
C PHE D 39 -8.47 -25.39 -21.57
N THR D 40 -8.90 -25.37 -22.84
CA THR D 40 -9.88 -26.33 -23.43
C THR D 40 -9.23 -27.03 -24.65
N ASP D 41 -9.38 -28.35 -24.74
CA ASP D 41 -9.03 -29.18 -25.92
C ASP D 41 -9.51 -28.47 -27.20
N GLU D 42 -10.79 -28.10 -27.24
CA GLU D 42 -11.43 -27.36 -28.35
C GLU D 42 -10.49 -26.24 -28.83
N TYR D 43 -10.09 -25.34 -27.94
CA TYR D 43 -9.41 -24.07 -28.32
C TYR D 43 -7.91 -24.26 -28.46
N LEU D 44 -7.30 -25.17 -27.71
CA LEU D 44 -5.82 -25.19 -27.57
C LEU D 44 -5.21 -26.53 -27.98
N SER D 45 -5.98 -27.53 -28.43
CA SER D 45 -5.38 -28.82 -28.88
C SER D 45 -4.45 -28.56 -30.07
N LYS D 46 -4.84 -27.60 -30.92
CA LYS D 46 -4.14 -27.17 -32.15
C LYS D 46 -2.73 -26.60 -31.87
N LEU D 47 -2.37 -26.38 -30.60
CA LEU D 47 -1.01 -25.88 -30.22
C LEU D 47 0.04 -26.98 -30.42
N VAL D 48 -0.38 -28.22 -30.63
CA VAL D 48 0.54 -29.38 -30.78
C VAL D 48 0.12 -30.20 -32.00
N PRO D 49 1.05 -30.98 -32.58
CA PRO D 49 0.73 -31.80 -33.75
C PRO D 49 -0.53 -32.64 -33.51
N ASP D 50 -1.39 -32.75 -34.53
CA ASP D 50 -2.52 -33.72 -34.55
C ASP D 50 -1.97 -35.09 -34.14
N GLY D 51 -2.48 -35.67 -33.06
CA GLY D 51 -2.02 -36.99 -32.55
C GLY D 51 -1.36 -36.90 -31.19
N ILE D 52 -0.81 -35.73 -30.81
CA ILE D 52 -0.30 -35.49 -29.43
C ILE D 52 -1.40 -34.75 -28.65
N LYS D 53 -1.60 -35.19 -27.41
CA LYS D 53 -2.71 -34.74 -26.52
C LYS D 53 -2.09 -34.39 -25.16
N PHE D 54 -2.51 -33.25 -24.62
CA PHE D 54 -2.22 -32.82 -23.23
C PHE D 54 -2.93 -33.80 -22.29
N LYS D 55 -2.17 -34.62 -21.57
CA LYS D 55 -2.68 -35.80 -20.83
C LYS D 55 -2.03 -35.87 -19.44
N HIS D 56 -1.27 -34.85 -19.07
CA HIS D 56 -0.48 -34.77 -17.82
C HIS D 56 -0.52 -33.33 -17.32
N ASP D 57 -0.89 -33.13 -16.05
CA ASP D 57 -0.99 -31.83 -15.32
C ASP D 57 -0.19 -31.94 -14.03
N LYS D 58 0.76 -31.02 -13.82
CA LYS D 58 1.68 -31.01 -12.66
C LYS D 58 1.64 -29.64 -11.99
N PHE D 59 1.84 -29.65 -10.67
CA PHE D 59 1.98 -28.47 -9.80
C PHE D 59 3.32 -28.53 -9.09
N ILE D 60 3.99 -27.39 -9.04
CA ILE D 60 5.31 -27.23 -8.38
C ILE D 60 5.21 -26.02 -7.43
N ASN D 61 5.31 -26.29 -6.13
CA ASN D 61 5.35 -25.27 -5.06
C ASN D 61 6.81 -25.05 -4.70
N SER D 62 7.31 -23.83 -4.84
CA SER D 62 8.72 -23.48 -4.54
C SER D 62 8.76 -22.24 -3.65
N HIS D 63 9.80 -22.13 -2.82
CA HIS D 63 10.00 -21.00 -1.88
C HIS D 63 10.63 -19.84 -2.65
N PHE D 64 10.63 -18.65 -2.04
CA PHE D 64 11.42 -17.51 -2.52
C PHE D 64 12.85 -17.97 -2.82
N ASN D 65 13.39 -17.50 -3.96
CA ASN D 65 14.83 -17.57 -4.34
C ASN D 65 15.18 -18.94 -4.94
N VAL D 66 14.20 -19.82 -5.14
CA VAL D 66 14.42 -21.16 -5.78
C VAL D 66 14.45 -20.96 -7.29
N LEU D 67 15.36 -21.66 -7.96
CA LEU D 67 15.45 -21.72 -9.45
C LEU D 67 15.40 -23.18 -9.89
N ARG D 68 14.43 -23.52 -10.76
CA ARG D 68 14.34 -24.84 -11.40
C ARG D 68 14.66 -24.70 -12.88
N GLY D 69 15.51 -25.58 -13.43
CA GLY D 69 15.91 -25.60 -14.85
C GLY D 69 17.43 -25.64 -15.01
N ILE D 70 17.94 -25.59 -16.25
CA ILE D 70 17.16 -25.41 -17.48
C ILE D 70 16.85 -26.80 -18.01
N HIS D 71 15.60 -27.29 -17.93
CA HIS D 71 15.28 -28.71 -18.21
C HIS D 71 14.42 -28.84 -19.46
N GLY D 72 14.74 -29.81 -20.32
CA GLY D 72 13.98 -30.10 -21.54
C GLY D 72 14.17 -31.54 -21.99
N ASP D 73 13.50 -31.91 -23.09
CA ASP D 73 13.50 -33.29 -23.65
C ASP D 73 12.93 -33.25 -25.08
N VAL D 74 12.97 -34.40 -25.74
CA VAL D 74 13.05 -34.54 -27.23
C VAL D 74 11.65 -34.73 -27.84
N LYS D 75 10.59 -34.88 -27.04
CA LYS D 75 9.21 -35.13 -27.58
C LYS D 75 8.10 -34.36 -26.81
N THR D 76 8.39 -33.77 -25.64
CA THR D 76 7.35 -33.22 -24.73
C THR D 76 7.08 -31.74 -25.03
N TYR D 77 5.84 -31.43 -25.42
CA TYR D 77 5.30 -30.06 -25.53
C TYR D 77 4.83 -29.65 -24.13
N LYS D 78 5.11 -28.40 -23.72
CA LYS D 78 4.73 -27.86 -22.37
C LYS D 78 3.91 -26.57 -22.49
N LEU D 79 2.83 -26.46 -21.70
CA LEU D 79 2.04 -25.20 -21.50
C LEU D 79 2.15 -24.81 -20.03
N VAL D 80 2.95 -23.78 -19.72
CA VAL D 80 3.42 -23.44 -18.34
C VAL D 80 2.91 -22.04 -17.95
N THR D 81 2.63 -21.84 -16.66
CA THR D 81 2.15 -20.56 -16.09
C THR D 81 2.43 -20.58 -14.58
N CYS D 82 2.14 -19.49 -13.89
CA CYS D 82 2.23 -19.40 -12.42
C CYS D 82 0.84 -19.00 -11.93
N VAL D 83 0.24 -19.75 -10.99
CA VAL D 83 -1.17 -19.54 -10.57
C VAL D 83 -1.17 -18.89 -9.19
N TYR D 84 -0.04 -18.89 -8.51
CA TYR D 84 0.09 -18.23 -7.19
C TYR D 84 1.48 -17.60 -7.09
N GLY D 85 1.59 -16.36 -6.63
CA GLY D 85 2.88 -15.64 -6.54
C GLY D 85 3.33 -15.18 -7.91
N GLU D 86 4.64 -15.06 -8.11
CA GLU D 86 5.22 -14.51 -9.36
C GLU D 86 6.52 -15.26 -9.64
N VAL D 87 6.73 -15.72 -10.89
CA VAL D 87 8.00 -16.32 -11.35
C VAL D 87 8.58 -15.54 -12.54
N HIS D 88 9.91 -15.63 -12.67
CA HIS D 88 10.70 -15.30 -13.87
C HIS D 88 10.78 -16.59 -14.69
N GLN D 89 9.82 -16.76 -15.61
CA GLN D 89 9.73 -17.92 -16.52
C GLN D 89 10.70 -17.64 -17.68
N VAL D 90 11.66 -18.54 -17.95
CA VAL D 90 12.65 -18.33 -19.05
C VAL D 90 12.63 -19.54 -19.98
N VAL D 91 12.20 -19.33 -21.21
CA VAL D 91 12.32 -20.33 -22.32
C VAL D 91 13.68 -20.13 -22.98
N VAL D 92 14.41 -21.22 -23.20
CA VAL D 92 15.69 -21.24 -23.97
C VAL D 92 15.45 -22.07 -25.24
N ASP D 93 15.79 -21.51 -26.41
CA ASP D 93 15.94 -22.33 -27.64
C ASP D 93 17.07 -23.32 -27.38
N CYS D 94 16.78 -24.62 -27.42
CA CYS D 94 17.77 -25.72 -27.19
C CYS D 94 17.77 -26.66 -28.39
N ARG D 95 17.21 -26.20 -29.52
CA ARG D 95 17.20 -26.87 -30.85
C ARG D 95 18.42 -26.46 -31.71
N LYS D 96 19.66 -26.78 -31.30
CA LYS D 96 20.92 -26.57 -32.09
C LYS D 96 20.57 -26.25 -33.56
N ASP D 97 19.86 -27.17 -34.21
CA ASP D 97 19.17 -27.05 -35.52
C ASP D 97 18.82 -25.58 -35.86
N SER D 98 18.24 -24.81 -34.92
CA SER D 98 17.53 -23.54 -35.20
C SER D 98 18.48 -22.34 -35.26
N PRO D 99 18.16 -21.31 -36.10
CA PRO D 99 18.83 -20.01 -36.06
C PRO D 99 19.07 -19.39 -34.67
N THR D 100 18.15 -19.59 -33.72
CA THR D 100 18.19 -18.90 -32.40
C THR D 100 18.59 -19.89 -31.29
N TYR D 101 19.24 -21.01 -31.62
CA TYR D 101 19.84 -21.90 -30.60
C TYR D 101 20.51 -21.04 -29.52
N LEU D 102 20.18 -21.31 -28.26
CA LEU D 102 20.72 -20.71 -27.01
C LEU D 102 20.32 -19.24 -26.84
N LYS D 103 19.44 -18.71 -27.70
CA LYS D 103 18.69 -17.46 -27.39
C LYS D 103 17.63 -17.80 -26.31
N TRP D 104 17.15 -16.78 -25.61
CA TRP D 104 16.11 -16.96 -24.56
C TRP D 104 15.11 -15.80 -24.60
N GLU D 105 14.05 -15.93 -23.79
CA GLU D 105 12.97 -14.92 -23.61
C GLU D 105 12.31 -15.14 -22.25
N LYS D 106 12.37 -14.12 -21.38
CA LYS D 106 11.82 -14.19 -20.00
C LYS D 106 10.40 -13.63 -20.04
N PHE D 107 9.48 -14.34 -19.39
CA PHE D 107 8.11 -13.87 -19.09
C PHE D 107 8.01 -13.74 -17.57
N ILE D 108 7.44 -12.63 -17.09
CA ILE D 108 7.26 -12.46 -15.62
C ILE D 108 5.78 -12.72 -15.29
N ILE D 109 5.50 -13.90 -14.77
CA ILE D 109 4.12 -14.47 -14.72
C ILE D 109 3.55 -14.42 -13.31
N SER D 110 2.27 -14.07 -13.23
CA SER D 110 1.46 -14.01 -11.99
C SER D 110 -0.02 -13.95 -12.37
N TYR D 111 -0.91 -13.90 -11.39
CA TYR D 111 -2.36 -13.72 -11.62
C TYR D 111 -2.62 -12.40 -12.36
N LYS D 112 -1.78 -11.37 -12.16
CA LYS D 112 -1.93 -10.04 -12.82
C LYS D 112 -1.45 -10.09 -14.28
N ASN D 113 -0.54 -11.01 -14.60
CA ASN D 113 -0.09 -11.23 -16.00
C ASN D 113 -0.18 -12.73 -16.28
N GLN D 114 -1.38 -13.22 -16.60
CA GLN D 114 -1.70 -14.68 -16.59
C GLN D 114 -1.27 -15.32 -17.91
N GLN D 115 0.01 -15.20 -18.25
CA GLN D 115 0.56 -15.80 -19.49
C GLN D 115 0.72 -17.31 -19.31
N LEU D 116 0.20 -18.08 -20.27
CA LEU D 116 0.47 -19.53 -20.47
C LEU D 116 1.41 -19.70 -21.67
N ILE D 117 2.62 -20.18 -21.44
CA ILE D 117 3.66 -20.25 -22.51
C ILE D 117 3.70 -21.69 -23.03
N LEU D 118 3.57 -21.82 -24.35
CA LEU D 118 3.68 -23.08 -25.14
C LEU D 118 5.13 -23.29 -25.58
N LEU D 119 5.88 -24.18 -24.91
CA LEU D 119 7.23 -24.65 -25.34
C LEU D 119 7.07 -25.88 -26.20
N PRO D 120 7.71 -25.97 -27.39
CA PRO D 120 7.85 -27.25 -28.08
C PRO D 120 8.96 -28.13 -27.49
N PRO D 121 9.16 -29.35 -28.04
CA PRO D 121 10.25 -30.20 -27.59
C PRO D 121 11.59 -29.54 -27.96
N ASN D 122 12.63 -29.85 -27.19
CA ASN D 122 14.03 -29.42 -27.45
C ASN D 122 14.20 -27.95 -27.05
N MET D 123 13.35 -27.49 -26.14
CA MET D 123 13.49 -26.16 -25.50
C MET D 123 13.82 -26.38 -24.03
N GLY D 124 14.65 -25.50 -23.46
CA GLY D 124 14.95 -25.46 -22.03
C GLY D 124 13.86 -24.72 -21.27
N ASN D 125 13.22 -25.39 -20.30
CA ASN D 125 12.22 -24.75 -19.41
C ASN D 125 12.91 -24.44 -18.08
N SER D 126 12.72 -23.23 -17.58
CA SER D 126 13.23 -22.80 -16.25
C SER D 126 12.30 -21.77 -15.63
N HIS D 127 12.38 -21.59 -14.32
CA HIS D 127 11.67 -20.50 -13.62
C HIS D 127 12.37 -20.22 -12.29
N TYR D 128 12.41 -18.94 -11.93
CA TYR D 128 12.94 -18.42 -10.64
C TYR D 128 11.75 -17.84 -9.87
N VAL D 129 11.64 -18.16 -8.58
CA VAL D 129 10.54 -17.63 -7.73
C VAL D 129 10.98 -16.31 -7.07
N SER D 130 10.40 -15.19 -7.53
CA SER D 130 10.61 -13.79 -7.08
C SER D 130 9.72 -13.46 -5.86
N SER D 131 8.55 -14.08 -5.77
CA SER D 131 7.59 -13.94 -4.64
C SER D 131 8.08 -14.79 -3.46
N ALA D 132 7.51 -14.56 -2.27
CA ALA D 132 7.77 -15.31 -1.02
C ALA D 132 7.59 -16.80 -1.29
N ALA D 133 6.60 -17.15 -2.10
CA ALA D 133 6.36 -18.50 -2.65
C ALA D 133 5.58 -18.38 -3.96
N ALA D 134 5.60 -19.45 -4.74
CA ALA D 134 4.90 -19.54 -6.02
C ALA D 134 4.37 -20.96 -6.21
N VAL D 135 3.30 -21.05 -7.01
CA VAL D 135 2.74 -22.33 -7.51
C VAL D 135 2.80 -22.23 -9.04
N TYR D 136 3.51 -23.17 -9.62
CA TYR D 136 3.80 -23.25 -11.07
C TYR D 136 2.93 -24.38 -11.59
N TYR D 137 2.10 -24.09 -12.58
CA TYR D 137 1.17 -25.08 -13.18
C TYR D 137 1.73 -25.45 -14.55
N TYR D 138 1.88 -26.74 -14.86
CA TYR D 138 2.09 -27.05 -16.29
C TYR D 138 1.48 -28.36 -16.74
N LYS D 139 0.87 -28.23 -17.91
CA LYS D 139 0.36 -29.32 -18.75
C LYS D 139 1.53 -29.86 -19.55
N LEU D 140 1.54 -31.19 -19.74
CA LEU D 140 2.49 -31.88 -20.65
C LEU D 140 1.66 -32.61 -21.70
N ALA D 141 2.15 -32.57 -22.94
CA ALA D 141 1.65 -33.36 -24.07
C ALA D 141 2.84 -34.08 -24.67
N TYR D 142 2.75 -35.41 -24.73
CA TYR D 142 3.81 -36.30 -25.25
C TYR D 142 3.18 -37.59 -25.73
N GLU D 143 3.98 -38.43 -26.40
CA GLU D 143 3.63 -39.84 -26.73
C GLU D 143 4.49 -40.75 -25.84
N GLY D 144 3.85 -41.80 -25.32
CA GLY D 144 4.49 -42.87 -24.53
C GLY D 144 4.77 -42.41 -23.11
N GLU D 145 5.95 -42.73 -22.60
CA GLU D 145 6.32 -42.60 -21.17
C GLU D 145 6.72 -41.15 -20.86
N TYR D 146 6.22 -40.60 -19.76
CA TYR D 146 6.78 -39.39 -19.11
C TYR D 146 8.31 -39.54 -19.10
N MET D 147 9.01 -38.54 -19.65
CA MET D 147 10.49 -38.37 -19.61
C MET D 147 10.89 -37.78 -18.25
N ASP D 148 11.31 -38.60 -17.29
CA ASP D 148 11.80 -38.14 -15.96
C ASP D 148 13.28 -37.72 -16.11
N ALA D 149 13.88 -37.22 -15.03
CA ALA D 149 15.21 -36.56 -15.02
C ALA D 149 16.22 -37.34 -15.87
N PRO D 150 16.54 -38.63 -15.56
CA PRO D 150 17.45 -39.42 -16.40
C PRO D 150 17.34 -39.30 -17.94
N ASP D 151 16.14 -39.13 -18.48
CA ASP D 151 15.91 -38.99 -19.94
C ASP D 151 15.70 -37.52 -20.34
N GLN D 152 16.19 -36.55 -19.55
CA GLN D 152 16.08 -35.09 -19.79
C GLN D 152 17.46 -34.44 -19.88
N PHE D 153 17.65 -33.46 -20.77
CA PHE D 153 18.90 -32.65 -20.86
C PHE D 153 18.82 -31.47 -19.89
N THR D 154 19.96 -31.05 -19.36
CA THR D 154 20.10 -30.04 -18.28
C THR D 154 21.20 -29.04 -18.63
N TYR D 155 20.84 -27.79 -18.91
CA TYR D 155 21.80 -26.67 -19.05
C TYR D 155 21.89 -25.98 -17.68
N ALA D 156 23.03 -25.35 -17.38
CA ALA D 156 23.24 -24.58 -16.12
C ALA D 156 22.36 -23.32 -16.16
N TRP D 157 21.69 -22.99 -15.06
CA TRP D 157 20.93 -21.72 -14.94
C TRP D 157 21.78 -20.57 -15.48
N ASN D 158 23.07 -20.55 -15.12
CA ASN D 158 24.04 -19.48 -15.41
C ASN D 158 25.02 -19.91 -16.52
N ASP D 159 24.60 -20.79 -17.44
CA ASP D 159 25.42 -21.08 -18.66
C ASP D 159 25.71 -19.74 -19.34
N GLU D 160 26.98 -19.51 -19.70
CA GLU D 160 27.50 -18.22 -20.19
C GLU D 160 27.19 -18.05 -21.68
N ARG D 161 27.07 -19.15 -22.44
CA ARG D 161 26.61 -19.15 -23.85
C ARG D 161 25.14 -18.68 -23.96
N ILE D 162 24.38 -18.66 -22.85
CA ILE D 162 22.94 -18.29 -22.84
C ILE D 162 22.79 -16.94 -22.12
N GLY D 163 23.52 -16.73 -21.03
CA GLY D 163 23.52 -15.45 -20.29
C GLY D 163 22.10 -14.94 -20.08
N ILE D 164 21.36 -15.58 -19.18
CA ILE D 164 20.02 -15.09 -18.75
C ILE D 164 20.26 -14.06 -17.63
N ASP D 165 19.54 -12.93 -17.63
CA ASP D 165 19.55 -11.99 -16.48
C ASP D 165 18.64 -12.59 -15.40
N TRP D 166 19.23 -13.00 -14.27
CA TRP D 166 18.52 -13.53 -13.08
C TRP D 166 18.68 -12.52 -11.93
N PRO D 167 17.63 -12.30 -11.12
CA PRO D 167 17.69 -11.32 -10.02
C PRO D 167 18.37 -11.85 -8.75
N THR D 168 19.30 -12.79 -8.92
CA THR D 168 20.14 -13.44 -7.88
C THR D 168 21.35 -14.04 -8.60
N ASN D 169 22.45 -14.28 -7.89
CA ASN D 169 23.52 -15.20 -8.35
C ASN D 169 23.77 -16.25 -7.25
N THR D 170 22.93 -16.27 -6.21
CA THR D 170 22.90 -17.33 -5.18
C THR D 170 21.51 -17.92 -5.09
N PRO D 171 21.04 -18.64 -6.15
CA PRO D 171 19.73 -19.28 -6.11
C PRO D 171 19.74 -20.56 -5.26
N ILE D 172 18.56 -21.00 -4.82
CA ILE D 172 18.35 -22.33 -4.16
C ILE D 172 18.21 -23.37 -5.27
N LEU D 173 19.19 -24.26 -5.42
CA LEU D 173 19.25 -25.26 -6.52
C LEU D 173 19.16 -26.68 -5.96
N SER D 174 18.69 -27.62 -6.78
CA SER D 174 18.69 -29.07 -6.50
C SER D 174 20.13 -29.59 -6.59
N ASP D 175 20.32 -30.88 -6.83
CA ASP D 175 21.64 -31.46 -7.18
C ASP D 175 21.79 -31.38 -8.70
N ARG D 176 20.79 -31.91 -9.42
CA ARG D 176 20.85 -32.06 -10.89
C ARG D 176 21.06 -30.68 -11.52
N ASP D 177 20.68 -29.60 -10.80
CA ASP D 177 20.85 -28.20 -11.23
C ASP D 177 22.24 -27.72 -10.85
N ILE D 178 22.68 -27.96 -9.60
CA ILE D 178 24.07 -27.64 -9.15
C ILE D 178 25.06 -28.40 -10.05
N LEU D 179 24.75 -29.66 -10.36
CA LEU D 179 25.66 -30.60 -11.04
C LEU D 179 25.95 -30.09 -12.46
N ALA D 180 25.01 -29.40 -13.10
CA ALA D 180 25.18 -28.90 -14.48
C ALA D 180 26.10 -27.67 -14.50
N THR D 181 26.44 -27.12 -13.32
CA THR D 181 27.43 -26.02 -13.15
C THR D 181 28.84 -26.63 -13.17
N MET E 5 9.10 28.17 14.69
CA MET E 5 8.95 26.76 14.20
C MET E 5 10.21 26.36 13.41
N ALA E 6 10.87 25.26 13.80
CA ALA E 6 12.10 24.74 13.19
C ALA E 6 11.77 23.86 11.97
N ILE E 7 12.75 23.75 11.09
CA ILE E 7 12.71 22.93 9.84
C ILE E 7 12.88 21.46 10.25
N GLU E 8 11.97 20.60 9.82
CA GLU E 8 12.00 19.17 10.20
C GLU E 8 11.56 18.32 9.02
N PHE E 9 12.19 17.16 8.91
CA PHE E 9 11.91 16.12 7.90
C PHE E 9 11.52 14.84 8.64
N ASP E 10 10.36 14.29 8.30
CA ASP E 10 10.02 12.87 8.57
C ASP E 10 10.59 12.02 7.43
N ILE E 11 11.40 11.01 7.75
CA ILE E 11 12.00 10.10 6.73
C ILE E 11 11.70 8.65 7.12
N GLN E 12 11.27 7.82 6.17
CA GLN E 12 11.23 6.35 6.34
C GLN E 12 11.51 5.69 4.98
N GLU E 13 11.96 4.44 4.99
CA GLU E 13 12.14 3.63 3.77
C GLU E 13 10.77 3.11 3.30
N SER E 14 10.59 2.94 1.98
CA SER E 14 9.45 2.20 1.41
C SER E 14 9.46 0.80 2.03
N LYS E 15 8.28 0.24 2.36
CA LYS E 15 8.12 -1.18 2.79
C LYS E 15 8.04 -2.09 1.56
N ILE E 16 8.07 -1.54 0.34
CA ILE E 16 7.92 -2.36 -0.90
C ILE E 16 9.22 -2.33 -1.71
N LEU E 17 9.84 -1.16 -1.88
CA LEU E 17 11.00 -0.95 -2.78
C LEU E 17 12.22 -0.55 -1.95
N LYS E 18 13.18 -1.46 -1.79
CA LYS E 18 14.42 -1.19 -1.00
C LYS E 18 15.18 -0.03 -1.64
N GLY E 19 15.61 0.94 -0.81
CA GLY E 19 16.42 2.09 -1.25
C GLY E 19 15.58 3.29 -1.67
N VAL E 20 14.26 3.13 -1.78
CA VAL E 20 13.31 4.28 -1.98
C VAL E 20 12.95 4.80 -0.59
N TYR E 21 12.98 6.12 -0.42
CA TYR E 21 12.68 6.82 0.86
C TYR E 21 11.56 7.82 0.61
N ILE E 22 10.82 8.07 1.68
CA ILE E 22 9.60 8.91 1.71
C ILE E 22 9.83 10.05 2.71
N ILE E 23 10.01 11.27 2.19
CA ILE E 23 10.34 12.49 2.96
C ILE E 23 9.07 13.32 3.12
N THR E 24 8.66 13.56 4.35
CA THR E 24 7.54 14.49 4.69
C THR E 24 8.12 15.70 5.42
N PRO E 25 8.20 16.90 4.79
CA PRO E 25 8.64 18.10 5.48
C PRO E 25 7.49 18.61 6.35
N ASN E 26 7.79 19.32 7.44
CA ASN E 26 6.77 20.10 8.18
C ASN E 26 6.57 21.39 7.37
N LYS E 27 5.55 22.15 7.76
CA LYS E 27 5.07 23.36 7.06
C LYS E 27 4.68 24.40 8.12
N PHE E 28 5.04 25.66 7.89
CA PHE E 28 4.41 26.79 8.62
C PHE E 28 3.15 27.18 7.84
N ARG E 29 1.99 27.13 8.50
CA ARG E 29 0.69 27.51 7.89
C ARG E 29 0.15 28.75 8.59
N ASP E 30 -0.34 29.72 7.83
CA ASP E 30 -1.02 30.92 8.36
C ASP E 30 -2.05 31.38 7.33
N LEU E 31 -2.66 32.56 7.54
CA LEU E 31 -3.72 33.15 6.68
C LEU E 31 -3.18 33.33 5.24
N ARG E 32 -1.87 33.33 5.04
CA ARG E 32 -1.25 33.62 3.71
C ARG E 32 -1.12 32.33 2.91
N GLY E 33 -1.07 31.16 3.58
CA GLY E 33 -0.77 29.85 2.95
C GLY E 33 0.33 29.13 3.70
N GLU E 34 1.37 28.63 2.99
CA GLU E 34 2.41 27.75 3.59
C GLU E 34 3.83 28.08 3.12
N ILE E 35 4.78 27.90 4.03
CA ILE E 35 6.26 27.88 3.80
C ILE E 35 6.72 26.48 4.14
N TRP E 36 7.53 25.86 3.31
CA TRP E 36 8.23 24.62 3.69
C TRP E 36 9.54 24.49 2.93
N THR E 37 10.41 23.61 3.44
CA THR E 37 11.73 23.31 2.87
C THR E 37 11.65 21.94 2.22
N ALA E 38 11.90 21.91 0.92
CA ALA E 38 11.90 20.71 0.06
C ALA E 38 13.24 19.99 0.22
N PHE E 39 14.31 20.76 0.41
CA PHE E 39 15.71 20.27 0.34
C PHE E 39 16.62 21.15 1.19
N THR E 40 17.53 20.48 1.87
CA THR E 40 18.64 21.01 2.68
C THR E 40 19.81 20.07 2.42
N ASP E 41 21.00 20.61 2.11
CA ASP E 41 22.18 19.78 1.72
C ASP E 41 22.61 18.97 2.95
N GLU E 42 22.45 19.53 4.15
CA GLU E 42 22.72 18.84 5.44
C GLU E 42 21.85 17.58 5.50
N TYR E 43 20.56 17.75 5.81
CA TYR E 43 19.60 16.65 6.08
C TYR E 43 19.61 15.60 4.96
N LEU E 44 19.53 15.98 3.69
CA LEU E 44 19.09 15.04 2.62
C LEU E 44 20.24 14.69 1.65
N SER E 45 21.49 15.01 2.00
CA SER E 45 22.70 14.45 1.32
C SER E 45 22.99 13.04 1.86
N LYS E 46 22.76 12.80 3.16
CA LYS E 46 23.08 11.53 3.87
C LYS E 46 22.14 10.38 3.46
N LEU E 47 21.43 10.49 2.33
CA LEU E 47 20.54 9.43 1.78
C LEU E 47 21.13 8.86 0.48
N VAL E 48 22.35 9.29 0.14
CA VAL E 48 22.94 9.19 -1.22
C VAL E 48 24.45 9.03 -1.04
N PRO E 49 25.12 8.05 -1.69
CA PRO E 49 26.52 7.76 -1.40
C PRO E 49 27.40 9.02 -1.38
N ASP E 50 28.46 8.99 -0.57
CA ASP E 50 29.43 10.11 -0.40
C ASP E 50 29.93 10.57 -1.77
N GLY E 51 29.84 11.87 -2.04
CA GLY E 51 30.38 12.48 -3.28
C GLY E 51 29.30 12.85 -4.28
N ILE E 52 28.16 12.15 -4.31
CA ILE E 52 27.06 12.51 -5.27
C ILE E 52 26.25 13.64 -4.63
N LYS E 53 26.08 14.73 -5.38
CA LYS E 53 25.37 15.95 -4.92
C LYS E 53 24.17 16.17 -5.84
N PHE E 54 23.05 16.55 -5.25
CA PHE E 54 21.92 17.16 -6.00
C PHE E 54 22.40 18.49 -6.55
N LYS E 55 22.48 18.63 -7.87
CA LYS E 55 23.11 19.79 -8.55
C LYS E 55 22.21 20.29 -9.68
N HIS E 56 20.99 19.74 -9.79
CA HIS E 56 20.08 20.01 -10.93
C HIS E 56 18.62 20.04 -10.46
N ASP E 57 17.94 21.18 -10.63
CA ASP E 57 16.52 21.38 -10.25
C ASP E 57 15.70 21.51 -11.52
N LYS E 58 14.65 20.70 -11.63
CA LYS E 58 13.73 20.75 -12.79
C LYS E 58 12.30 20.98 -12.32
N PHE E 59 11.53 21.70 -13.13
CA PHE E 59 10.06 21.82 -13.03
C PHE E 59 9.45 21.20 -14.28
N ILE E 60 8.40 20.41 -14.09
CA ILE E 60 7.55 19.87 -15.18
C ILE E 60 6.12 20.26 -14.86
N ASN E 61 5.50 21.03 -15.77
CA ASN E 61 4.14 21.60 -15.66
C ASN E 61 3.24 20.79 -16.59
N SER E 62 2.17 20.17 -16.10
CA SER E 62 1.38 19.25 -16.94
C SER E 62 -0.12 19.52 -16.80
N HIS E 63 -0.82 19.26 -17.90
CA HIS E 63 -2.30 19.23 -17.96
C HIS E 63 -2.81 18.00 -17.22
N PHE E 64 -4.07 18.09 -16.77
CA PHE E 64 -4.92 16.95 -16.36
C PHE E 64 -4.80 15.82 -17.39
N ASN E 65 -4.65 14.59 -16.90
CA ASN E 65 -4.72 13.34 -17.70
C ASN E 65 -3.37 13.08 -18.37
N VAL E 66 -2.39 13.91 -18.12
CA VAL E 66 -1.03 13.65 -18.65
C VAL E 66 -0.35 12.56 -17.79
N LEU E 67 0.29 11.61 -18.46
CA LEU E 67 1.10 10.56 -17.82
C LEU E 67 2.50 10.60 -18.44
N ARG E 68 3.48 10.91 -17.61
CA ARG E 68 4.92 10.91 -17.97
C ARG E 68 5.58 9.68 -17.34
N GLY E 69 6.16 8.78 -18.15
CA GLY E 69 6.96 7.65 -17.67
C GLY E 69 6.76 6.42 -18.55
N ILE E 70 7.39 5.28 -18.22
CA ILE E 70 8.20 5.09 -17.02
C ILE E 70 9.64 5.28 -17.46
N HIS E 71 10.36 6.22 -16.85
CA HIS E 71 11.71 6.60 -17.30
C HIS E 71 12.71 6.40 -16.16
N GLY E 72 13.90 5.95 -16.53
CA GLY E 72 15.06 5.94 -15.63
C GLY E 72 16.32 5.90 -16.44
N ASP E 73 17.44 6.01 -15.74
CA ASP E 73 18.81 5.87 -16.31
C ASP E 73 19.65 5.18 -15.24
N VAL E 74 20.88 4.89 -15.57
CA VAL E 74 21.70 3.91 -14.80
C VAL E 74 22.48 4.64 -13.70
N LYS E 75 22.41 5.97 -13.57
CA LYS E 75 23.26 6.72 -12.60
C LYS E 75 22.55 7.84 -11.81
N THR E 76 21.35 8.27 -12.19
CA THR E 76 20.70 9.49 -11.61
C THR E 76 19.83 9.14 -10.40
N TYR E 77 20.18 9.71 -9.24
CA TYR E 77 19.33 9.80 -8.02
C TYR E 77 18.32 10.92 -8.26
N LYS E 78 17.09 10.73 -7.80
CA LYS E 78 16.01 11.72 -8.01
C LYS E 78 15.28 11.94 -6.69
N LEU E 79 14.92 13.18 -6.45
CA LEU E 79 14.04 13.59 -5.34
C LEU E 79 12.85 14.30 -5.96
N VAL E 80 11.66 13.72 -5.84
CA VAL E 80 10.49 14.19 -6.63
C VAL E 80 9.33 14.50 -5.70
N THR E 81 8.54 15.47 -6.09
CA THR E 81 7.33 15.91 -5.38
C THR E 81 6.47 16.67 -6.39
N CYS E 82 5.28 17.03 -5.96
CA CYS E 82 4.34 17.90 -6.69
C CYS E 82 4.08 19.10 -5.79
N VAL E 83 4.22 20.33 -6.30
CA VAL E 83 4.17 21.57 -5.46
C VAL E 83 2.87 22.35 -5.76
N TYR E 84 2.17 22.02 -6.83
CA TYR E 84 0.78 22.47 -7.11
C TYR E 84 0.01 21.31 -7.73
N GLY E 85 -1.22 21.14 -7.27
CA GLY E 85 -2.15 20.16 -7.84
C GLY E 85 -1.86 18.80 -7.27
N GLU E 86 -2.20 17.77 -8.03
CA GLU E 86 -2.14 16.37 -7.54
C GLU E 86 -1.55 15.47 -8.61
N VAL E 87 -0.69 14.59 -8.16
CA VAL E 87 0.04 13.67 -9.06
C VAL E 87 -0.05 12.27 -8.44
N HIS E 88 -0.38 11.26 -9.24
CA HIS E 88 -0.15 9.84 -8.91
C HIS E 88 1.30 9.56 -9.27
N GLN E 89 2.20 9.69 -8.29
CA GLN E 89 3.65 9.42 -8.44
C GLN E 89 3.84 7.91 -8.31
N VAL E 90 4.40 7.24 -9.32
CA VAL E 90 4.62 5.78 -9.25
C VAL E 90 6.09 5.46 -9.50
N VAL E 91 6.75 4.94 -8.45
CA VAL E 91 8.11 4.36 -8.51
C VAL E 91 7.99 2.88 -8.89
N VAL E 92 8.78 2.47 -9.88
CA VAL E 92 8.93 1.05 -10.27
C VAL E 92 10.36 0.65 -9.96
N ASP E 93 10.56 -0.61 -9.55
CA ASP E 93 11.89 -1.23 -9.43
C ASP E 93 12.32 -1.74 -10.82
N CYS E 94 13.31 -1.09 -11.40
CA CYS E 94 13.85 -1.45 -12.74
C CYS E 94 15.27 -2.01 -12.54
N ARG E 95 15.64 -2.40 -11.32
CA ARG E 95 16.91 -3.11 -11.02
C ARG E 95 16.68 -4.60 -11.28
N LYS E 96 17.25 -5.09 -12.38
CA LYS E 96 17.12 -6.49 -12.87
C LYS E 96 17.81 -7.48 -11.92
N ASP E 97 18.80 -7.01 -11.15
CA ASP E 97 19.46 -7.81 -10.07
C ASP E 97 18.63 -7.76 -8.76
N SER E 98 17.57 -6.96 -8.65
CA SER E 98 16.73 -6.83 -7.42
C SER E 98 15.65 -7.89 -7.40
N PRO E 99 15.41 -8.55 -6.25
CA PRO E 99 14.32 -9.53 -6.15
C PRO E 99 12.95 -8.92 -6.50
N THR E 100 12.77 -7.60 -6.30
CA THR E 100 11.47 -6.92 -6.47
C THR E 100 11.39 -6.22 -7.83
N TYR E 101 12.20 -6.64 -8.79
CA TYR E 101 12.18 -6.13 -10.17
C TYR E 101 10.73 -6.05 -10.67
N LEU E 102 10.31 -4.87 -11.12
CA LEU E 102 8.98 -4.52 -11.69
C LEU E 102 7.85 -4.57 -10.64
N LYS E 103 8.16 -4.57 -9.34
CA LYS E 103 7.22 -4.15 -8.27
C LYS E 103 7.08 -2.62 -8.30
N TRP E 104 6.03 -2.08 -7.72
CA TRP E 104 5.82 -0.62 -7.81
C TRP E 104 5.05 -0.16 -6.58
N GLU E 105 5.18 1.13 -6.33
CA GLU E 105 4.47 1.81 -5.23
C GLU E 105 4.02 3.16 -5.77
N LYS E 106 2.78 3.53 -5.46
CA LYS E 106 2.18 4.82 -5.84
C LYS E 106 2.23 5.72 -4.61
N PHE E 107 2.42 7.02 -4.83
CA PHE E 107 2.37 8.08 -3.80
C PHE E 107 1.55 9.20 -4.41
N ILE E 108 0.35 9.43 -3.90
CA ILE E 108 -0.53 10.52 -4.38
C ILE E 108 -0.06 11.78 -3.66
N ILE E 109 0.64 12.67 -4.36
CA ILE E 109 1.25 13.87 -3.75
C ILE E 109 0.33 15.04 -4.10
N SER E 110 0.00 15.86 -3.10
CA SER E 110 -1.01 16.93 -3.21
C SER E 110 -0.82 17.94 -2.08
N TYR E 111 -1.73 18.92 -1.99
CA TYR E 111 -1.75 19.90 -0.87
C TYR E 111 -1.89 19.16 0.46
N LYS E 112 -2.52 17.98 0.48
CA LYS E 112 -2.82 17.29 1.77
C LYS E 112 -1.77 16.20 2.10
N ASN E 113 -0.85 15.82 1.21
CA ASN E 113 0.40 15.15 1.68
C ASN E 113 1.55 15.53 0.77
N GLN E 114 2.31 16.47 1.30
CA GLN E 114 3.59 16.94 0.73
C GLN E 114 4.60 15.86 1.06
N GLN E 115 4.81 14.92 0.15
CA GLN E 115 5.94 13.97 0.27
C GLN E 115 6.90 14.19 -0.89
N LEU E 116 8.19 14.07 -0.60
CA LEU E 116 9.27 13.97 -1.61
C LEU E 116 9.74 12.53 -1.60
N ILE E 117 9.84 11.92 -2.79
CA ILE E 117 10.26 10.50 -2.92
C ILE E 117 11.68 10.53 -3.46
N LEU E 118 12.59 9.85 -2.76
CA LEU E 118 14.01 9.64 -3.12
C LEU E 118 14.12 8.32 -3.88
N LEU E 119 14.59 8.38 -5.12
CA LEU E 119 14.81 7.21 -6.01
C LEU E 119 16.30 7.06 -6.23
N PRO E 120 16.88 5.86 -5.98
CA PRO E 120 18.20 5.54 -6.49
C PRO E 120 18.17 5.29 -7.99
N PRO E 121 19.36 5.22 -8.63
CA PRO E 121 19.46 4.90 -10.05
C PRO E 121 18.78 3.59 -10.42
N ASN E 122 18.48 3.44 -11.70
CA ASN E 122 17.98 2.17 -12.26
C ASN E 122 16.58 1.89 -11.71
N MET E 123 15.88 2.94 -11.28
CA MET E 123 14.45 2.84 -10.89
C MET E 123 13.62 3.50 -11.99
N GLY E 124 12.36 3.08 -12.10
CA GLY E 124 11.41 3.65 -13.06
C GLY E 124 10.68 4.80 -12.42
N ASN E 125 10.68 6.00 -13.06
CA ASN E 125 10.01 7.23 -12.54
C ASN E 125 8.85 7.57 -13.48
N SER E 126 7.69 7.84 -12.87
CA SER E 126 6.40 8.08 -13.57
C SER E 126 5.47 8.92 -12.69
N HIS E 127 4.61 9.69 -13.34
CA HIS E 127 3.50 10.40 -12.66
C HIS E 127 2.32 10.63 -13.61
N TYR E 128 1.13 10.56 -13.03
CA TYR E 128 -0.13 10.89 -13.72
C TYR E 128 -0.75 12.12 -13.04
N VAL E 129 -1.20 13.08 -13.83
CA VAL E 129 -1.78 14.34 -13.29
C VAL E 129 -3.28 14.15 -13.08
N SER E 130 -3.73 14.18 -11.83
CA SER E 130 -5.16 13.90 -11.50
C SER E 130 -5.91 15.20 -11.27
N SER E 131 -5.20 16.34 -11.25
CA SER E 131 -5.76 17.69 -11.03
C SER E 131 -5.85 18.42 -12.37
N ALA E 132 -6.48 19.61 -12.42
CA ALA E 132 -6.61 20.46 -13.63
C ALA E 132 -5.24 20.62 -14.24
N ALA E 133 -4.26 20.99 -13.43
CA ALA E 133 -2.83 21.02 -13.80
C ALA E 133 -2.04 20.65 -12.55
N ALA E 134 -0.81 20.22 -12.74
CA ALA E 134 0.15 19.96 -11.65
C ALA E 134 1.50 20.55 -12.02
N VAL E 135 2.25 20.91 -10.98
CA VAL E 135 3.68 21.28 -11.07
C VAL E 135 4.48 20.29 -10.22
N TYR E 136 5.44 19.68 -10.90
CA TYR E 136 6.23 18.51 -10.49
C TYR E 136 7.65 19.04 -10.36
N TYR E 137 8.20 18.98 -9.15
CA TYR E 137 9.56 19.42 -8.77
C TYR E 137 10.46 18.19 -8.70
N TYR E 138 11.66 18.28 -9.23
CA TYR E 138 12.51 17.13 -9.58
C TYR E 138 13.98 17.58 -9.42
N LYS E 139 14.66 17.08 -8.38
CA LYS E 139 16.09 17.35 -8.13
C LYS E 139 16.89 16.13 -8.57
N LEU E 140 17.99 16.35 -9.29
CA LEU E 140 18.81 15.27 -9.87
C LEU E 140 20.18 15.31 -9.19
N ALA E 141 20.64 14.16 -8.70
CA ALA E 141 22.01 13.92 -8.18
C ALA E 141 22.68 12.91 -9.10
N TYR E 142 23.72 13.33 -9.82
CA TYR E 142 24.47 12.47 -10.77
C TYR E 142 25.87 13.06 -11.00
N GLU E 143 26.90 12.20 -11.06
CA GLU E 143 28.23 12.54 -11.61
C GLU E 143 28.15 12.56 -13.15
N GLY E 144 29.02 13.35 -13.79
CA GLY E 144 29.17 13.39 -15.25
C GLY E 144 28.11 14.27 -15.88
N GLU E 145 27.77 13.98 -17.14
CA GLU E 145 26.85 14.81 -17.95
C GLU E 145 25.41 14.41 -17.60
N TYR E 146 24.42 15.20 -18.02
CA TYR E 146 22.97 14.89 -17.93
C TYR E 146 22.65 13.73 -18.88
N MET E 147 21.85 12.76 -18.40
CA MET E 147 21.31 11.65 -19.20
C MET E 147 19.98 12.11 -19.82
N ASP E 148 20.00 12.39 -21.11
CA ASP E 148 18.81 12.82 -21.88
C ASP E 148 18.06 11.56 -22.35
N ALA E 149 16.86 11.75 -22.89
CA ALA E 149 15.97 10.72 -23.51
C ALA E 149 16.81 9.58 -24.10
N PRO E 150 17.72 9.86 -25.06
CA PRO E 150 18.53 8.80 -25.69
C PRO E 150 19.39 7.94 -24.75
N ASP E 151 19.79 8.43 -23.56
CA ASP E 151 20.61 7.68 -22.56
C ASP E 151 19.76 7.14 -21.40
N GLN E 152 18.45 7.04 -21.61
CA GLN E 152 17.44 6.57 -20.63
C GLN E 152 16.72 5.33 -21.18
N PHE E 153 16.40 4.38 -20.32
CA PHE E 153 15.46 3.29 -20.63
C PHE E 153 14.05 3.80 -20.40
N THR E 154 13.10 3.17 -21.10
CA THR E 154 11.65 3.40 -20.96
C THR E 154 10.95 2.07 -20.73
N TYR E 155 10.03 2.01 -19.76
CA TYR E 155 9.01 0.94 -19.60
C TYR E 155 7.63 1.55 -19.87
N ALA E 156 6.75 0.76 -20.52
CA ALA E 156 5.38 1.13 -20.91
C ALA E 156 4.53 1.39 -19.65
N TRP E 157 3.85 2.52 -19.62
CA TRP E 157 3.00 2.88 -18.45
C TRP E 157 2.09 1.69 -18.11
N ASN E 158 1.63 0.93 -19.10
CA ASN E 158 0.60 -0.11 -18.92
C ASN E 158 1.23 -1.50 -19.02
N ASP E 159 2.57 -1.59 -18.89
CA ASP E 159 3.31 -2.87 -18.96
C ASP E 159 2.68 -3.85 -17.96
N GLU E 160 2.16 -4.97 -18.47
CA GLU E 160 1.32 -5.94 -17.69
C GLU E 160 2.17 -6.68 -16.63
N ARG E 161 3.49 -6.77 -16.81
CA ARG E 161 4.41 -7.38 -15.81
C ARG E 161 4.54 -6.45 -14.58
N ILE E 162 4.31 -5.15 -14.77
CA ILE E 162 4.37 -4.16 -13.65
C ILE E 162 2.97 -4.12 -13.04
N GLY E 163 1.93 -3.96 -13.86
CA GLY E 163 0.51 -3.97 -13.47
C GLY E 163 0.11 -2.78 -12.61
N ILE E 164 0.53 -1.58 -12.97
CA ILE E 164 0.22 -0.35 -12.19
C ILE E 164 -1.28 -0.09 -12.28
N ASP E 165 -1.90 0.28 -11.15
CA ASP E 165 -3.29 0.81 -11.12
C ASP E 165 -3.23 2.31 -11.38
N TRP E 166 -3.57 2.72 -12.61
CA TRP E 166 -3.73 4.13 -13.03
C TRP E 166 -5.22 4.48 -13.02
N PRO E 167 -5.62 5.75 -12.78
CA PRO E 167 -7.04 6.10 -12.75
C PRO E 167 -7.70 6.18 -14.12
N THR E 168 -7.00 5.80 -15.18
CA THR E 168 -7.54 5.90 -16.56
C THR E 168 -6.88 4.88 -17.48
N ASN E 169 -7.63 4.48 -18.50
CA ASN E 169 -7.16 3.68 -19.65
C ASN E 169 -6.62 4.61 -20.74
N THR E 170 -6.98 5.91 -20.72
CA THR E 170 -6.77 6.84 -21.85
C THR E 170 -6.00 8.09 -21.42
N PRO E 171 -4.72 7.94 -20.98
CA PRO E 171 -3.86 9.08 -20.67
C PRO E 171 -3.25 9.80 -21.88
N ILE E 172 -2.88 11.07 -21.69
CA ILE E 172 -2.13 11.89 -22.68
C ILE E 172 -0.65 11.52 -22.55
N LEU E 173 -0.07 11.01 -23.62
CA LEU E 173 1.28 10.40 -23.64
C LEU E 173 2.12 11.06 -24.74
N SER E 174 3.42 11.12 -24.52
CA SER E 174 4.45 11.36 -25.57
C SER E 174 4.54 10.17 -26.53
N ASP E 175 5.01 10.44 -27.75
CA ASP E 175 5.39 9.42 -28.76
C ASP E 175 6.27 8.39 -28.04
N ARG E 176 7.30 8.86 -27.31
CA ARG E 176 8.25 8.02 -26.54
C ARG E 176 7.49 7.02 -25.65
N ASP E 177 6.48 7.52 -24.91
CA ASP E 177 5.73 6.76 -23.88
C ASP E 177 4.65 5.88 -24.53
N ILE E 178 4.10 6.25 -25.69
CA ILE E 178 3.22 5.36 -26.51
C ILE E 178 4.07 4.21 -27.06
N LEU E 179 5.21 4.55 -27.67
CA LEU E 179 6.17 3.66 -28.37
C LEU E 179 6.53 2.48 -27.48
N ALA E 180 6.81 2.72 -26.20
CA ALA E 180 7.32 1.71 -25.25
C ALA E 180 6.32 0.54 -25.16
N THR E 181 5.01 0.80 -25.35
CA THR E 181 3.92 -0.23 -25.43
C THR E 181 4.07 -1.02 -26.73
N MET F 5 16.85 19.07 -27.59
CA MET F 5 16.95 20.48 -27.06
C MET F 5 17.89 20.50 -25.85
N ALA F 6 18.90 21.39 -25.85
CA ALA F 6 19.90 21.57 -24.77
C ALA F 6 19.34 22.52 -23.70
N ILE F 7 19.84 22.37 -22.46
CA ILE F 7 19.45 23.19 -21.27
C ILE F 7 20.16 24.54 -21.39
N GLU F 8 19.41 25.65 -21.47
CA GLU F 8 19.98 27.01 -21.70
C GLU F 8 19.39 28.03 -20.73
N PHE F 9 20.16 29.11 -20.50
CA PHE F 9 19.87 30.24 -19.59
C PHE F 9 20.30 31.56 -20.24
N ASP F 10 19.36 32.36 -20.76
CA ASP F 10 19.56 33.81 -21.06
C ASP F 10 19.74 34.55 -19.73
N ILE F 11 20.71 35.46 -19.66
CA ILE F 11 21.11 36.20 -18.42
C ILE F 11 21.36 37.66 -18.81
N GLN F 12 20.78 38.61 -18.10
CA GLN F 12 21.25 40.03 -18.11
C GLN F 12 21.20 40.55 -16.66
N GLU F 13 22.18 41.37 -16.30
CA GLU F 13 22.18 42.17 -15.05
C GLU F 13 21.04 43.21 -15.15
N SER F 14 20.50 43.64 -14.01
CA SER F 14 19.45 44.69 -13.98
C SER F 14 20.05 46.00 -14.50
N LYS F 15 19.28 46.78 -15.26
CA LYS F 15 19.66 48.15 -15.72
C LYS F 15 19.40 49.15 -14.59
N ILE F 16 19.07 48.65 -13.38
CA ILE F 16 18.61 49.47 -12.22
C ILE F 16 19.45 49.12 -10.99
N LEU F 17 19.64 47.83 -10.72
CA LEU F 17 20.33 47.37 -9.50
C LEU F 17 21.54 46.55 -9.92
N LYS F 18 22.76 47.06 -9.66
CA LYS F 18 24.00 46.30 -9.91
C LYS F 18 24.06 45.16 -8.89
N GLY F 19 24.17 43.91 -9.36
CA GLY F 19 24.36 42.70 -8.54
C GLY F 19 23.18 41.76 -8.61
N VAL F 20 22.07 42.25 -9.17
CA VAL F 20 20.78 41.53 -9.40
C VAL F 20 20.74 41.09 -10.88
N TYR F 21 20.43 39.81 -11.12
CA TYR F 21 20.42 39.18 -12.46
C TYR F 21 19.03 38.60 -12.76
N ILE F 22 18.71 38.59 -14.05
CA ILE F 22 17.41 38.11 -14.61
C ILE F 22 17.76 36.93 -15.54
N ILE F 23 17.53 35.72 -15.02
CA ILE F 23 17.89 34.42 -15.65
C ILE F 23 16.60 33.87 -16.27
N THR F 24 16.57 33.75 -17.60
CA THR F 24 15.44 33.15 -18.36
C THR F 24 15.93 31.81 -18.89
N PRO F 25 15.39 30.66 -18.41
CA PRO F 25 15.78 29.35 -18.93
C PRO F 25 14.94 29.10 -20.19
N ASN F 26 15.36 28.14 -21.01
CA ASN F 26 14.53 27.68 -22.15
C ASN F 26 13.58 26.58 -21.65
N LYS F 27 12.65 26.18 -22.49
CA LYS F 27 11.61 25.22 -22.10
C LYS F 27 11.32 24.28 -23.28
N PHE F 28 11.26 22.99 -23.00
CA PHE F 28 10.67 22.02 -23.95
C PHE F 28 9.17 22.11 -23.76
N ARG F 29 8.42 22.45 -24.82
CA ARG F 29 6.95 22.51 -24.80
C ARG F 29 6.38 21.47 -25.78
N ASP F 30 5.32 20.77 -25.39
CA ASP F 30 4.58 19.80 -26.24
C ASP F 30 3.15 19.77 -25.74
N LEU F 31 2.35 18.83 -26.24
CA LEU F 31 0.92 18.63 -25.86
C LEU F 31 0.78 18.34 -24.35
N ARG F 32 1.82 17.89 -23.67
CA ARG F 32 1.71 17.51 -22.23
C ARG F 32 1.93 18.73 -21.34
N GLY F 33 2.70 19.72 -21.83
CA GLY F 33 3.05 20.96 -21.10
C GLY F 33 4.50 21.35 -21.30
N GLU F 34 5.22 21.67 -20.21
CA GLU F 34 6.59 22.23 -20.31
C GLU F 34 7.55 21.54 -19.35
N ILE F 35 8.81 21.47 -19.76
CA ILE F 35 9.95 20.93 -18.99
C ILE F 35 11.03 22.00 -19.03
N TRP F 36 11.61 22.33 -17.88
CA TRP F 36 12.68 23.32 -17.79
C TRP F 36 13.52 23.11 -16.52
N THR F 37 14.78 23.50 -16.63
CA THR F 37 15.78 23.50 -15.54
C THR F 37 15.77 24.90 -14.92
N ALA F 38 15.64 24.97 -13.60
CA ALA F 38 15.59 26.23 -12.83
C ALA F 38 17.02 26.59 -12.41
N PHE F 39 17.84 25.55 -12.25
CA PHE F 39 19.17 25.62 -11.60
C PHE F 39 20.00 24.38 -11.98
N THR F 40 21.24 24.62 -12.35
CA THR F 40 22.35 23.64 -12.30
C THR F 40 23.46 24.31 -11.49
N ASP F 41 24.23 23.53 -10.71
CA ASP F 41 25.33 24.04 -9.87
C ASP F 41 26.38 24.71 -10.77
N GLU F 42 26.66 24.13 -11.94
CA GLU F 42 27.76 24.61 -12.82
C GLU F 42 27.39 25.96 -13.43
N TYR F 43 26.19 26.09 -14.02
CA TYR F 43 25.72 27.34 -14.68
C TYR F 43 25.61 28.45 -13.64
N LEU F 44 24.78 28.27 -12.60
CA LEU F 44 24.30 29.40 -11.77
C LEU F 44 24.94 29.31 -10.37
N SER F 45 26.24 29.01 -10.33
CA SER F 45 27.18 29.33 -9.22
C SER F 45 28.45 30.01 -9.77
N LYS F 46 28.64 30.08 -11.09
CA LYS F 46 29.59 31.00 -11.76
C LYS F 46 29.25 32.45 -11.41
N LEU F 47 28.03 32.70 -10.91
CA LEU F 47 27.44 34.05 -10.72
C LEU F 47 27.53 34.49 -9.26
N VAL F 48 27.99 33.62 -8.37
CA VAL F 48 28.00 33.84 -6.90
C VAL F 48 29.43 33.72 -6.42
N PRO F 49 29.88 34.55 -5.43
CA PRO F 49 31.26 34.47 -4.91
C PRO F 49 31.69 33.05 -4.52
N ASP F 50 32.97 32.76 -4.74
CA ASP F 50 33.57 31.40 -4.62
C ASP F 50 33.18 30.80 -3.27
N GLY F 51 33.03 29.47 -3.24
CA GLY F 51 32.73 28.72 -2.01
C GLY F 51 31.31 28.93 -1.49
N ILE F 52 30.50 29.75 -2.16
CA ILE F 52 29.10 30.03 -1.73
C ILE F 52 28.16 29.15 -2.57
N LYS F 53 27.44 28.26 -1.88
CA LYS F 53 26.74 27.09 -2.46
C LYS F 53 25.25 27.18 -2.12
N PHE F 54 24.40 26.87 -3.10
CA PHE F 54 22.93 26.75 -2.93
C PHE F 54 22.64 25.38 -2.31
N LYS F 55 22.29 25.36 -1.02
CA LYS F 55 22.16 24.12 -0.21
C LYS F 55 20.75 24.02 0.39
N HIS F 56 19.84 24.92 0.04
CA HIS F 56 18.53 25.07 0.74
C HIS F 56 17.42 25.47 -0.27
N ASP F 57 16.41 24.63 -0.45
CA ASP F 57 15.29 24.89 -1.39
C ASP F 57 13.99 25.10 -0.61
N LYS F 58 13.23 26.13 -0.92
CA LYS F 58 11.96 26.39 -0.21
C LYS F 58 10.82 26.62 -1.22
N PHE F 59 9.61 26.24 -0.83
CA PHE F 59 8.37 26.59 -1.56
C PHE F 59 7.47 27.38 -0.61
N ILE F 60 6.90 28.46 -1.14
CA ILE F 60 5.90 29.30 -0.46
C ILE F 60 4.63 29.30 -1.32
N ASN F 61 3.57 28.62 -0.86
CA ASN F 61 2.24 28.66 -1.49
C ASN F 61 1.45 29.79 -0.82
N SER F 62 0.84 30.70 -1.58
CA SER F 62 0.05 31.85 -1.04
C SER F 62 -1.27 32.03 -1.84
N HIS F 63 -2.31 32.54 -1.17
CA HIS F 63 -3.58 32.97 -1.79
C HIS F 63 -3.38 34.28 -2.57
N PHE F 64 -4.28 34.55 -3.49
CA PHE F 64 -4.48 35.88 -4.09
C PHE F 64 -4.36 36.95 -3.00
N ASN F 65 -3.66 38.05 -3.35
CA ASN F 65 -3.66 39.36 -2.65
C ASN F 65 -2.77 39.29 -1.40
N VAL F 66 -1.99 38.22 -1.29
CA VAL F 66 -0.93 38.07 -0.25
C VAL F 66 0.30 38.84 -0.73
N LEU F 67 0.96 39.49 0.22
CA LEU F 67 2.23 40.20 0.02
C LEU F 67 3.15 39.77 1.19
N ARG F 68 4.32 39.29 0.85
CA ARG F 68 5.39 38.86 1.79
C ARG F 68 6.58 39.77 1.54
N GLY F 69 7.03 40.45 2.60
CA GLY F 69 8.27 41.26 2.62
C GLY F 69 8.07 42.61 3.32
N ILE F 70 9.13 43.42 3.34
CA ILE F 70 10.35 43.23 2.55
C ILE F 70 11.43 42.71 3.49
N HIS F 71 11.99 41.54 3.20
CA HIS F 71 12.89 40.81 4.10
C HIS F 71 14.27 40.65 3.45
N GLY F 72 15.32 40.72 4.26
CA GLY F 72 16.71 40.41 3.86
C GLY F 72 17.51 40.12 5.11
N ASP F 73 18.70 39.54 4.96
CA ASP F 73 19.71 39.34 6.03
C ASP F 73 21.03 39.92 5.53
N VAL F 74 22.17 39.47 6.07
CA VAL F 74 23.51 40.04 5.72
C VAL F 74 24.23 39.07 4.78
N LYS F 75 23.92 37.75 4.83
CA LYS F 75 24.81 36.71 4.26
C LYS F 75 24.08 35.73 3.30
N THR F 76 22.77 35.86 3.10
CA THR F 76 21.99 34.88 2.27
C THR F 76 21.86 35.41 0.83
N TYR F 77 22.42 34.68 -0.15
CA TYR F 77 22.12 34.85 -1.59
C TYR F 77 20.81 34.14 -1.88
N LYS F 78 19.99 34.69 -2.78
CA LYS F 78 18.62 34.19 -3.01
C LYS F 78 18.38 34.10 -4.52
N LEU F 79 17.94 32.92 -4.98
CA LEU F 79 17.42 32.71 -6.36
C LEU F 79 15.94 32.37 -6.27
N VAL F 80 15.08 33.24 -6.82
CA VAL F 80 13.61 33.19 -6.59
C VAL F 80 12.88 33.19 -7.93
N THR F 81 11.77 32.50 -7.99
CA THR F 81 10.87 32.51 -9.17
C THR F 81 9.46 32.13 -8.74
N CYS F 82 8.53 32.14 -9.68
CA CYS F 82 7.15 31.66 -9.49
C CYS F 82 6.93 30.48 -10.46
N VAL F 83 6.54 29.31 -9.97
CA VAL F 83 6.46 28.04 -10.76
C VAL F 83 4.99 27.73 -11.05
N TYR F 84 4.08 28.42 -10.37
CA TYR F 84 2.63 28.35 -10.68
C TYR F 84 1.97 29.68 -10.35
N GLY F 85 1.02 30.08 -11.19
CA GLY F 85 0.30 31.37 -11.09
C GLY F 85 1.22 32.54 -11.38
N GLU F 86 0.98 33.69 -10.76
CA GLU F 86 1.70 34.94 -11.08
C GLU F 86 1.95 35.75 -9.81
N VAL F 87 3.15 36.32 -9.78
CA VAL F 87 3.69 37.08 -8.65
C VAL F 87 4.27 38.39 -9.21
N HIS F 88 4.04 39.51 -8.49
CA HIS F 88 4.84 40.74 -8.64
C HIS F 88 6.00 40.60 -7.66
N GLN F 89 7.14 40.14 -8.15
CA GLN F 89 8.40 40.05 -7.39
C GLN F 89 9.02 41.44 -7.43
N VAL F 90 9.48 41.92 -6.28
CA VAL F 90 10.13 43.26 -6.17
C VAL F 90 11.41 43.06 -5.36
N VAL F 91 12.51 43.54 -5.92
CA VAL F 91 13.82 43.62 -5.24
C VAL F 91 14.05 45.08 -4.84
N VAL F 92 14.69 45.28 -3.68
CA VAL F 92 15.06 46.58 -3.06
C VAL F 92 16.54 46.50 -2.69
N ASP F 93 17.35 47.51 -3.02
CA ASP F 93 18.69 47.68 -2.41
C ASP F 93 18.42 48.12 -0.96
N CYS F 94 18.72 47.27 0.03
CA CYS F 94 18.29 47.39 1.45
C CYS F 94 19.48 47.16 2.39
N TYR F 101 20.43 52.07 -2.67
CA TYR F 101 20.03 51.77 -1.27
C TYR F 101 18.70 52.48 -0.93
N LEU F 102 17.59 51.79 -1.22
CA LEU F 102 16.14 52.17 -1.13
C LEU F 102 15.52 52.30 -2.54
N LYS F 103 16.23 51.81 -3.57
CA LYS F 103 15.75 51.64 -4.97
C LYS F 103 15.18 50.22 -5.17
N TRP F 104 14.21 50.10 -6.09
CA TRP F 104 13.43 48.85 -6.34
C TRP F 104 13.16 48.65 -7.84
N GLU F 105 12.79 47.42 -8.22
CA GLU F 105 12.39 47.00 -9.59
C GLU F 105 11.49 45.76 -9.49
N LYS F 106 10.40 45.76 -10.26
CA LYS F 106 9.34 44.72 -10.26
C LYS F 106 9.52 43.77 -11.46
N PHE F 107 9.43 42.47 -11.21
CA PHE F 107 9.37 41.43 -12.25
C PHE F 107 8.06 40.67 -12.03
N ILE F 108 7.18 40.66 -13.01
CA ILE F 108 5.87 40.00 -12.91
C ILE F 108 6.01 38.58 -13.44
N ILE F 109 6.60 37.72 -12.60
CA ILE F 109 6.97 36.33 -12.98
C ILE F 109 5.70 35.47 -13.05
N SER F 110 5.51 34.82 -14.20
CA SER F 110 4.43 33.87 -14.53
C SER F 110 4.91 32.84 -15.57
N TYR F 111 4.02 31.94 -16.02
CA TYR F 111 4.23 30.96 -17.12
C TYR F 111 4.76 31.67 -18.38
N LYS F 112 4.22 32.84 -18.69
CA LYS F 112 4.50 33.57 -19.96
C LYS F 112 5.76 34.41 -19.80
N ASN F 113 6.24 34.59 -18.56
CA ASN F 113 7.49 35.32 -18.26
C ASN F 113 8.25 34.57 -17.17
N GLN F 114 8.90 33.47 -17.52
CA GLN F 114 9.53 32.54 -16.55
C GLN F 114 10.97 32.98 -16.24
N GLN F 115 11.14 33.97 -15.37
CA GLN F 115 12.47 34.50 -14.99
C GLN F 115 12.82 34.10 -13.56
N LEU F 116 14.08 33.84 -13.30
CA LEU F 116 14.61 33.67 -11.93
C LEU F 116 15.44 34.89 -11.59
N ILE F 117 15.09 35.57 -10.51
CA ILE F 117 15.84 36.77 -10.03
C ILE F 117 16.86 36.29 -9.02
N LEU F 118 18.13 36.64 -9.23
CA LEU F 118 19.20 36.37 -8.25
C LEU F 118 19.46 37.65 -7.44
N LEU F 119 19.29 37.58 -6.12
CA LEU F 119 19.62 38.66 -5.15
C LEU F 119 20.90 38.30 -4.42
N PRO F 120 21.84 39.26 -4.30
CA PRO F 120 22.92 39.15 -3.31
C PRO F 120 22.42 39.50 -1.91
N PRO F 121 23.24 39.28 -0.85
CA PRO F 121 22.91 39.73 0.51
C PRO F 121 22.43 41.18 0.64
N ASN F 122 21.98 41.53 1.84
CA ASN F 122 21.55 42.92 2.21
C ASN F 122 20.62 43.50 1.15
N MET F 123 19.90 42.68 0.38
CA MET F 123 18.78 43.16 -0.46
C MET F 123 17.46 42.78 0.24
N GLY F 124 16.43 43.62 0.01
CA GLY F 124 15.02 43.41 0.36
C GLY F 124 14.31 42.57 -0.69
N ASN F 125 13.81 41.40 -0.28
CA ASN F 125 13.01 40.47 -1.12
C ASN F 125 11.52 40.62 -0.76
N SER F 126 10.66 40.70 -1.76
CA SER F 126 9.20 40.83 -1.58
C SER F 126 8.47 40.26 -2.80
N HIS F 127 7.24 39.80 -2.62
CA HIS F 127 6.37 39.39 -3.75
C HIS F 127 4.89 39.55 -3.36
N TYR F 128 4.09 39.89 -4.36
CA TYR F 128 2.63 40.10 -4.29
C TYR F 128 1.98 39.10 -5.25
N VAL F 129 0.97 38.35 -4.80
CA VAL F 129 0.29 37.29 -5.60
C VAL F 129 -0.87 37.93 -6.40
N SER F 130 -0.77 37.89 -7.72
CA SER F 130 -1.74 38.46 -8.70
C SER F 130 -2.77 37.38 -9.09
N SER F 131 -2.36 36.11 -9.15
CA SER F 131 -3.18 34.95 -9.58
C SER F 131 -4.08 34.49 -8.42
N ALA F 132 -4.99 33.56 -8.67
CA ALA F 132 -5.89 32.96 -7.66
C ALA F 132 -5.03 32.38 -6.52
N ALA F 133 -3.89 31.82 -6.89
CA ALA F 133 -2.88 31.24 -5.99
C ALA F 133 -1.55 31.28 -6.72
N ALA F 134 -0.46 31.17 -5.98
CA ALA F 134 0.87 31.07 -6.59
C ALA F 134 1.76 30.18 -5.74
N VAL F 135 2.70 29.50 -6.40
CA VAL F 135 3.85 28.80 -5.77
C VAL F 135 5.13 29.55 -6.12
N TYR F 136 5.80 30.02 -5.07
CA TYR F 136 7.08 30.76 -5.13
C TYR F 136 8.17 29.78 -4.74
N TYR F 137 9.15 29.57 -5.64
CA TYR F 137 10.34 28.72 -5.42
C TYR F 137 11.51 29.64 -5.08
N TYR F 138 12.28 29.19 -4.10
CA TYR F 138 13.22 30.03 -3.31
C TYR F 138 14.44 29.17 -2.98
N LYS F 139 15.56 29.43 -3.66
CA LYS F 139 16.87 28.78 -3.38
C LYS F 139 17.78 29.74 -2.59
N LEU F 140 18.42 29.22 -1.55
CA LEU F 140 19.22 30.02 -0.58
C LEU F 140 20.66 29.50 -0.62
N ALA F 141 21.62 30.41 -0.51
CA ALA F 141 23.06 30.13 -0.31
C ALA F 141 23.58 31.05 0.80
N TYR F 142 24.34 30.48 1.72
CA TYR F 142 24.74 31.10 3.00
C TYR F 142 25.71 30.14 3.66
N GLU F 143 26.58 30.65 4.55
CA GLU F 143 27.75 29.89 5.08
C GLU F 143 27.33 28.97 6.23
N GLY F 144 26.67 29.52 7.26
CA GLY F 144 26.53 28.86 8.58
C GLY F 144 25.23 28.10 8.74
N GLU F 145 24.59 28.26 9.91
CA GLU F 145 23.20 27.84 10.18
C GLU F 145 22.25 28.83 9.47
N TYR F 146 21.05 28.35 9.13
CA TYR F 146 19.96 29.12 8.48
C TYR F 146 19.70 30.41 9.29
N MET F 147 19.38 31.51 8.58
CA MET F 147 18.97 32.82 9.16
C MET F 147 17.43 32.92 9.18
N ASP F 148 16.83 32.61 10.33
CA ASP F 148 15.37 32.66 10.59
C ASP F 148 14.98 34.11 10.93
N ALA F 149 13.68 34.38 11.08
CA ALA F 149 13.04 35.72 11.18
C ALA F 149 13.69 36.59 12.26
N PRO F 150 14.18 36.05 13.40
CA PRO F 150 15.01 36.83 14.32
C PRO F 150 16.34 37.37 13.76
N ASP F 151 16.99 36.66 12.84
CA ASP F 151 18.34 36.98 12.30
C ASP F 151 18.25 37.75 10.96
N GLN F 152 17.06 38.25 10.59
CA GLN F 152 16.79 39.03 9.36
C GLN F 152 16.50 40.49 9.74
N PHE F 153 16.35 41.39 8.78
CA PHE F 153 15.77 42.75 8.95
C PHE F 153 14.53 42.85 8.05
N THR F 154 13.81 43.97 8.12
CA THR F 154 12.45 44.13 7.52
C THR F 154 12.18 45.59 7.20
N TYR F 155 11.80 45.93 5.97
CA TYR F 155 11.29 47.26 5.52
C TYR F 155 9.83 47.10 5.15
N ALA F 156 9.02 48.13 5.35
CA ALA F 156 7.56 48.11 5.08
C ALA F 156 7.32 47.94 3.58
N TRP F 157 6.37 47.08 3.22
CA TRP F 157 5.88 46.95 1.82
C TRP F 157 5.52 48.34 1.25
N ASN F 158 5.05 49.26 2.10
CA ASN F 158 4.49 50.57 1.67
C ASN F 158 5.39 51.71 2.12
N ASP F 159 6.66 51.42 2.48
CA ASP F 159 7.66 52.41 2.95
C ASP F 159 7.84 53.49 1.88
N GLU F 160 7.61 54.75 2.28
CA GLU F 160 7.53 55.95 1.40
C GLU F 160 8.94 56.23 0.85
N ARG F 161 9.96 56.09 1.71
CA ARG F 161 11.42 56.06 1.39
C ARG F 161 11.75 55.16 0.19
N ILE F 162 10.87 54.22 -0.20
CA ILE F 162 11.16 53.17 -1.24
C ILE F 162 10.28 53.41 -2.46
N GLY F 163 8.96 53.48 -2.27
CA GLY F 163 8.02 53.98 -3.29
C GLY F 163 7.37 52.90 -4.15
N ILE F 164 7.49 51.62 -3.78
CA ILE F 164 7.10 50.48 -4.68
C ILE F 164 5.70 50.75 -5.24
N ASP F 165 5.46 50.40 -6.50
CA ASP F 165 4.09 50.32 -7.08
C ASP F 165 3.56 48.89 -6.88
N TRP F 166 2.45 48.73 -6.13
CA TRP F 166 1.74 47.44 -5.92
C TRP F 166 0.32 47.61 -6.43
N PRO F 167 -0.31 46.57 -7.03
CA PRO F 167 -1.67 46.70 -7.56
C PRO F 167 -2.86 46.87 -6.59
N THR F 168 -2.58 47.12 -5.30
CA THR F 168 -3.56 47.25 -4.20
C THR F 168 -2.89 48.00 -3.04
N ASN F 169 -3.67 48.51 -2.08
CA ASN F 169 -3.11 49.03 -0.81
C ASN F 169 -3.81 48.36 0.38
N THR F 170 -4.48 47.23 0.17
CA THR F 170 -4.97 46.34 1.25
C THR F 170 -4.53 44.91 0.95
N PRO F 171 -3.19 44.64 0.91
CA PRO F 171 -2.68 43.29 0.79
C PRO F 171 -2.92 42.50 2.09
N ILE F 172 -2.88 41.17 1.98
CA ILE F 172 -2.88 40.25 3.14
C ILE F 172 -1.44 40.15 3.62
N LEU F 173 -1.19 40.49 4.88
CA LEU F 173 0.16 40.62 5.45
C LEU F 173 0.25 39.85 6.77
N SER F 174 1.42 39.31 7.06
CA SER F 174 1.79 38.76 8.37
C SER F 174 1.92 39.90 9.38
N ASP F 175 1.78 39.58 10.66
CA ASP F 175 1.95 40.52 11.80
C ASP F 175 3.25 41.29 11.60
N ARG F 176 4.38 40.57 11.43
CA ARG F 176 5.72 41.14 11.12
C ARG F 176 5.61 42.25 10.07
N ASP F 177 4.99 41.95 8.92
CA ASP F 177 4.99 42.87 7.75
C ASP F 177 4.03 44.03 7.99
N ILE F 178 3.02 43.85 8.84
CA ILE F 178 2.12 44.97 9.26
C ILE F 178 2.87 45.86 10.27
N LEU F 179 3.64 45.27 11.17
CA LEU F 179 4.26 46.03 12.30
C LEU F 179 5.42 46.90 11.78
N ALA F 180 6.11 46.47 10.71
CA ALA F 180 7.14 47.29 10.02
C ALA F 180 6.55 48.60 9.49
N THR F 181 5.23 48.74 9.33
CA THR F 181 4.59 49.93 8.67
C THR F 181 4.40 51.07 9.66
N LYS F 182 4.06 52.25 9.14
CA LYS F 182 3.92 53.49 9.93
C LYS F 182 2.64 53.41 10.77
N ASN F 183 1.51 53.08 10.15
CA ASN F 183 0.16 53.14 10.77
C ASN F 183 -0.14 51.87 11.59
N LYS F 184 0.80 50.91 11.64
CA LYS F 184 0.73 49.63 12.39
C LYS F 184 -0.58 48.90 12.11
PB GDP G . 9.25 3.49 24.79
O1B GDP G . 8.23 3.48 25.92
O2B GDP G . 10.61 2.86 25.04
O3B GDP G . 8.62 2.94 23.52
O3A GDP G . 9.54 5.08 24.48
PA GDP G . 10.09 6.32 25.41
O1A GDP G . 9.00 6.86 26.33
O2A GDP G . 11.48 6.00 25.92
O5' GDP G . 10.31 7.48 24.28
C5' GDP G . 11.29 7.35 23.23
C4' GDP G . 11.35 8.57 22.32
O4' GDP G . 10.13 8.69 21.59
C3' GDP G . 11.52 9.88 23.08
O3' GDP G . 12.26 10.84 22.36
C2' GDP G . 10.14 10.45 23.11
O2' GDP G . 10.20 11.87 23.19
C1' GDP G . 9.55 9.97 21.80
N9 GDP G . 8.10 9.85 21.94
C8 GDP G . 7.44 9.24 22.95
N7 GDP G . 6.11 9.36 22.79
C5 GDP G . 5.90 10.02 21.64
C6 GDP G . 4.73 10.47 20.87
O6 GDP G . 3.56 10.23 21.26
N1 GDP G . 4.98 11.16 19.77
C2 GDP G . 6.25 11.44 19.31
N2 GDP G . 6.48 12.13 18.17
N3 GDP G . 7.33 11.03 19.96
C4 GDP G . 7.22 10.36 21.10
PB GDP H . -20.38 -0.50 9.57
O1B GDP H . -20.32 1.00 9.55
O2B GDP H . -21.12 -1.12 8.40
O3B GDP H . -19.04 -1.08 9.97
O3A GDP H . -21.24 -0.92 10.90
PA GDP H . -22.76 -0.55 11.31
O1A GDP H . -22.74 0.78 12.01
O2A GDP H . -23.65 -0.76 10.10
O5' GDP H . -23.04 -1.60 12.46
C5' GDP H . -23.10 -2.97 12.09
C4' GDP H . -23.44 -3.90 13.26
O4' GDP H . -22.43 -3.90 14.28
C3' GDP H . -24.74 -3.49 13.93
O3' GDP H . -25.43 -4.68 14.31
C2' GDP H . -24.24 -2.75 15.16
O2' GDP H . -25.12 -2.81 16.25
C1' GDP H . -22.96 -3.47 15.52
N9 GDP H . -21.97 -2.61 16.20
C8 GDP H . -21.57 -1.39 15.78
N7 GDP H . -20.63 -0.91 16.62
C5 GDP H . -20.40 -1.84 17.57
C6 GDP H . -19.50 -1.96 18.71
O6 GDP H . -18.71 -1.00 18.98
N1 GDP H . -19.53 -3.08 19.46
C2 GDP H . -20.39 -4.08 19.14
N2 GDP H . -20.38 -5.18 19.90
N3 GDP H . -21.23 -4.06 18.07
C4 GDP H . -21.28 -2.97 17.26
NA NA I . 11.44 -17.61 29.75
PB GDP J . 12.66 -30.03 -11.40
O1B GDP J . 11.62 -29.35 -10.53
O2B GDP J . 14.05 -29.71 -10.94
O3B GDP J . 12.32 -29.90 -12.87
O3A GDP J . 12.45 -31.63 -11.13
PA GDP J . 13.11 -32.96 -11.82
O1A GDP J . 12.43 -33.39 -13.11
O2A GDP J . 14.62 -32.76 -11.65
O5' GDP J . 12.64 -34.02 -10.71
C5' GDP J . 13.05 -33.87 -9.36
C4' GDP J . 12.60 -35.11 -8.62
O4' GDP J . 11.18 -35.18 -8.59
C3' GDP J . 13.06 -36.37 -9.34
O3' GDP J . 13.35 -37.40 -8.39
C2' GDP J . 11.87 -36.82 -10.12
O2' GDP J . 11.94 -38.21 -10.30
C1' GDP J . 10.73 -36.37 -9.22
N9 GDP J . 9.48 -36.06 -9.93
C8 GDP J . 9.34 -35.45 -11.12
N7 GDP J . 8.02 -35.34 -11.44
C5 GDP J . 7.30 -35.88 -10.44
C6 GDP J . 5.88 -36.07 -10.15
O6 GDP J . 5.02 -35.67 -10.97
N1 GDP J . 5.57 -36.68 -9.00
C2 GDP J . 6.52 -37.12 -8.13
N2 GDP J . 6.18 -37.73 -6.97
N3 GDP J . 7.84 -36.94 -8.34
C4 GDP J . 8.28 -36.35 -9.46
C1 EDO K . -31.43 -38.16 -11.00
O1 EDO K . -32.40 -38.82 -10.19
C2 EDO K . -31.48 -36.65 -10.88
O2 EDO K . -31.30 -36.14 -9.56
PB GDP L . -19.02 -19.80 -9.07
O1B GDP L . -19.94 -19.24 -7.97
O2B GDP L . -17.57 -19.56 -8.73
O3B GDP L . -19.29 -21.26 -9.46
O3A GDP L . -19.40 -18.88 -10.41
PA GDP L . -20.53 -19.13 -11.58
O1A GDP L . -21.88 -18.45 -11.28
O2A GDP L . -20.44 -20.54 -12.14
O5' GDP L . -19.92 -18.15 -12.67
C5' GDP L . -19.79 -16.78 -12.34
C4' GDP L . -19.54 -16.00 -13.62
O4' GDP L . -18.22 -16.21 -14.10
C3' GDP L . -20.50 -16.41 -14.74
O3' GDP L . -21.01 -15.25 -15.37
C2' GDP L . -19.64 -17.11 -15.75
O2' GDP L . -19.94 -16.71 -17.08
C1' GDP L . -18.25 -16.57 -15.48
N9 GDP L . -17.28 -17.62 -15.76
C8 GDP L . -17.36 -18.87 -15.28
N7 GDP L . -16.32 -19.59 -15.73
C5 GDP L . -15.55 -18.82 -16.50
C6 GDP L . -14.29 -18.98 -17.24
O6 GDP L . -13.72 -20.09 -17.25
N1 GDP L . -13.83 -17.91 -17.91
C2 GDP L . -14.49 -16.73 -17.91
N2 GDP L . -14.01 -15.66 -18.58
N3 GDP L . -15.64 -16.52 -17.21
C4 GDP L . -16.20 -17.52 -16.51
PB GDP M . 9.51 13.31 -19.96
O1B GDP M . 8.72 14.37 -19.22
O2B GDP M . 8.60 12.40 -20.77
O3B GDP M . 10.56 12.64 -19.07
O3A GDP M . 10.32 14.00 -21.19
PA GDP M . 11.66 13.41 -21.86
O1A GDP M . 12.72 13.15 -20.79
O2A GDP M . 11.22 12.36 -22.86
O5' GDP M . 12.07 14.77 -22.59
C5' GDP M . 11.25 15.36 -23.59
C4' GDP M . 12.01 16.53 -24.22
O4' GDP M . 12.33 17.55 -23.27
C3' GDP M . 13.34 16.08 -24.80
O3' GDP M . 13.45 16.67 -26.11
C2' GDP M . 14.40 16.59 -23.84
O2' GDP M . 15.65 16.95 -24.43
C1' GDP M . 13.74 17.84 -23.32
N9 GDP M . 14.17 18.22 -21.98
C8 GDP M . 14.26 17.41 -20.90
N7 GDP M . 14.67 18.12 -19.83
C5 GDP M . 14.81 19.38 -20.20
C6 GDP M . 15.21 20.59 -19.52
O6 GDP M . 15.52 20.56 -18.30
N1 GDP M . 15.25 21.70 -20.23
C2 GDP M . 14.97 21.73 -21.56
N2 GDP M . 15.05 22.94 -22.17
N3 GDP M . 14.58 20.64 -22.27
C4 GDP M . 14.50 19.46 -21.62
PB GDP N . 7.67 35.04 5.43
O1B GDP N . 6.83 36.26 5.74
O2B GDP N . 7.01 34.15 4.40
O3B GDP N . 9.14 35.32 5.11
O3A GDP N . 7.53 34.46 6.94
PA GDP N . 8.71 34.58 8.02
O1A GDP N . 8.52 35.68 9.06
O2A GDP N . 10.04 34.34 7.35
O5' GDP N . 8.37 33.19 8.75
C5' GDP N . 7.06 32.85 9.14
C4' GDP N . 7.22 31.62 10.04
O4' GDP N . 7.46 30.46 9.26
C3' GDP N . 8.41 31.76 10.99
O3' GDP N . 7.91 31.58 12.29
C2' GDP N . 9.36 30.65 10.63
O2' GDP N . 9.79 29.95 11.78
C1' GDP N . 8.55 29.69 9.78
N9 GDP N . 9.30 29.10 8.66
C8 GDP N . 10.05 29.78 7.77
N7 GDP N . 10.59 28.94 6.87
C5 GDP N . 10.18 27.70 7.18
C6 GDP N . 10.38 26.34 6.61
O6 GDP N . 11.07 26.17 5.59
N1 GDP N . 9.78 25.30 7.21
C2 GDP N . 8.99 25.46 8.31
N2 GDP N . 8.43 24.36 8.83
N3 GDP N . 8.74 26.68 8.88
C4 GDP N . 9.31 27.81 8.35
C1 EDO O . 10.17 -3.70 -23.90
O1 EDO O . 10.00 -4.40 -22.67
C2 EDO O . 9.00 -2.88 -24.32
O2 EDO O . 8.78 -1.71 -23.54
#